data_6JLB
#
_entry.id   6JLB
#
_cell.length_a   231.267
_cell.length_b   84.997
_cell.length_c   92.383
_cell.angle_alpha   90.00
_cell.angle_beta   90.00
_cell.angle_gamma   90.00
#
_symmetry.space_group_name_H-M   'P 21 21 2'
#
_entity_poly.entity_id   1
_entity_poly.type   'polypeptide(L)'
_entity_poly.pdbx_seq_one_letter_code
;GA(MSE)D(MSE)ETPSQRRATRSGAQASSTPLSPTRITRLQEKEDLQELNDRLAVYIDRVRSLETENAGLRLRITESEE
VVSREVSGIKAAYEAELGDARKTLDSVAKERARLQLELSKVREEFKELKARNTKKEGDLIAAQARLKDLEALLNSKEAAL
STALSEKRTLEGELHDLRGQVAKLEAALGEAKKQLQDE(MSE)LRRVDAENRLQT(MSE)KEELDFQKNIYSEELRETKR
RHETRLVEIDNGKQREFESRLADALQELRAQHEDQVEQYKKELEKTYSAKLDNARQSAERNSNLVGAAHEELQQSRIRID
;
_entity_poly.pdbx_strand_id   A,B,C,D
#
# COMPACT_ATOMS: atom_id res chain seq x y z
N ILE A 50 -63.09 -118.73 51.41
CA ILE A 50 -63.18 -118.09 50.09
C ILE A 50 -64.08 -116.86 50.18
N ASP A 51 -65.04 -116.89 51.11
CA ASP A 51 -65.94 -115.75 51.26
C ASP A 51 -65.25 -114.55 51.89
N ARG A 52 -64.28 -114.79 52.78
CA ARG A 52 -63.43 -113.73 53.28
C ARG A 52 -62.16 -113.57 52.44
N VAL A 53 -61.75 -114.65 51.76
CA VAL A 53 -60.53 -114.60 50.96
C VAL A 53 -60.71 -113.69 49.75
N ARG A 54 -61.65 -114.06 48.87
CA ARG A 54 -61.85 -113.29 47.64
C ARG A 54 -62.34 -111.87 47.95
N SER A 55 -63.08 -111.69 49.04
CA SER A 55 -63.46 -110.35 49.47
C SER A 55 -62.24 -109.53 49.85
N LEU A 56 -61.31 -110.13 50.60
CA LEU A 56 -60.09 -109.42 50.99
C LEU A 56 -59.17 -109.20 49.79
N GLU A 57 -59.10 -110.18 48.88
CA GLU A 57 -58.25 -110.04 47.71
C GLU A 57 -58.75 -108.93 46.79
N THR A 58 -60.04 -108.96 46.44
CA THR A 58 -60.61 -107.92 45.60
C THR A 58 -60.54 -106.56 46.29
N GLU A 59 -60.83 -106.51 47.58
CA GLU A 59 -60.78 -105.24 48.30
C GLU A 59 -59.38 -104.66 48.32
N ASN A 60 -58.36 -105.52 48.50
CA ASN A 60 -56.99 -105.02 48.51
C ASN A 60 -56.54 -104.57 47.13
N ALA A 61 -56.85 -105.37 46.10
CA ALA A 61 -56.45 -105.01 44.73
C ALA A 61 -57.08 -103.69 44.30
N GLY A 62 -58.39 -103.54 44.53
CA GLY A 62 -59.05 -102.29 44.19
C GLY A 62 -58.58 -101.13 45.04
N LEU A 63 -58.30 -101.39 46.33
CA LEU A 63 -57.85 -100.34 47.22
C LEU A 63 -56.50 -99.77 46.77
N ARG A 64 -55.52 -100.65 46.53
CA ARG A 64 -54.21 -100.17 46.12
C ARG A 64 -54.24 -99.58 44.71
N LEU A 65 -54.95 -100.26 43.79
CA LEU A 65 -55.02 -99.79 42.41
C LEU A 65 -55.83 -98.50 42.28
N ARG A 66 -56.61 -98.14 43.29
CA ARG A 66 -57.34 -96.87 43.28
C ARG A 66 -56.60 -95.76 44.03
N ILE A 67 -55.92 -96.09 45.13
CA ILE A 67 -55.25 -95.07 45.92
C ILE A 67 -53.94 -94.65 45.26
N THR A 68 -53.17 -95.60 44.75
CA THR A 68 -51.93 -95.25 44.04
C THR A 68 -52.22 -94.31 42.88
N GLU A 69 -53.26 -94.60 42.10
CA GLU A 69 -53.65 -93.74 40.99
C GLU A 69 -54.41 -92.49 41.44
N SER A 70 -54.89 -92.46 42.69
CA SER A 70 -55.44 -91.22 43.23
C SER A 70 -54.34 -90.27 43.68
N GLU A 71 -53.16 -90.79 43.99
CA GLU A 71 -52.01 -89.94 44.23
C GLU A 71 -51.25 -89.60 42.95
N GLU A 72 -51.34 -90.48 41.94
CA GLU A 72 -50.67 -90.21 40.66
C GLU A 72 -51.20 -88.93 40.02
N VAL A 73 -52.51 -88.72 40.07
CA VAL A 73 -53.08 -87.51 39.47
C VAL A 73 -52.66 -86.26 40.24
N VAL A 74 -52.51 -86.37 41.56
CA VAL A 74 -51.98 -85.26 42.34
C VAL A 74 -50.55 -84.95 41.91
N SER A 75 -49.75 -86.00 41.67
CA SER A 75 -48.39 -85.79 41.16
C SER A 75 -48.41 -85.08 39.81
N ARG A 76 -49.34 -85.45 38.92
CA ARG A 76 -49.42 -84.79 37.63
C ARG A 76 -49.87 -83.34 37.78
N GLU A 77 -50.73 -83.05 38.76
CA GLU A 77 -51.08 -81.66 39.04
C GLU A 77 -49.89 -80.87 39.54
N VAL A 78 -49.02 -81.50 40.34
CA VAL A 78 -47.75 -80.88 40.69
C VAL A 78 -46.94 -80.58 39.43
N SER A 79 -46.92 -81.52 38.49
CA SER A 79 -46.22 -81.30 37.22
C SER A 79 -46.78 -80.08 36.49
N GLY A 80 -48.10 -79.91 36.52
CA GLY A 80 -48.69 -78.70 35.93
C GLY A 80 -48.28 -77.43 36.66
N ILE A 81 -48.23 -77.49 37.99
CA ILE A 81 -47.77 -76.35 38.78
C ILE A 81 -46.36 -75.95 38.35
N LYS A 82 -45.48 -76.93 38.16
CA LYS A 82 -44.16 -76.64 37.60
C LYS A 82 -44.27 -76.04 36.21
N ALA A 83 -45.22 -76.54 35.40
CA ALA A 83 -45.37 -76.06 34.03
C ALA A 83 -45.81 -74.60 33.97
N ALA A 84 -46.43 -74.09 35.04
CA ALA A 84 -46.75 -72.66 35.10
C ALA A 84 -45.61 -71.85 35.71
N TYR A 85 -45.09 -72.30 36.86
CA TYR A 85 -44.00 -71.60 37.53
C TYR A 85 -42.83 -71.37 36.58
N GLU A 86 -42.39 -72.45 35.92
CA GLU A 86 -41.27 -72.35 34.99
C GLU A 86 -41.57 -71.39 33.83
N ALA A 87 -42.84 -71.31 33.42
CA ALA A 87 -43.20 -70.37 32.36
C ALA A 87 -43.03 -68.93 32.82
N GLU A 88 -43.58 -68.59 33.99
CA GLU A 88 -43.45 -67.22 34.49
C GLU A 88 -41.98 -66.85 34.70
N LEU A 89 -41.21 -67.76 35.31
CA LEU A 89 -39.78 -67.51 35.48
C LEU A 89 -39.10 -67.31 34.12
N GLY A 90 -39.54 -68.07 33.11
CA GLY A 90 -38.94 -67.98 31.80
C GLY A 90 -39.23 -66.67 31.09
N ASP A 91 -40.40 -66.07 31.34
CA ASP A 91 -40.65 -64.77 30.71
C ASP A 91 -39.98 -63.62 31.47
N ALA A 92 -40.00 -63.68 32.81
CA ALA A 92 -39.26 -62.68 33.58
C ALA A 92 -37.78 -62.68 33.23
N ARG A 93 -37.22 -63.88 33.04
CA ARG A 93 -35.84 -64.02 32.60
C ARG A 93 -35.60 -63.40 31.23
N LYS A 94 -36.65 -63.24 30.43
CA LYS A 94 -36.52 -62.62 29.12
C LYS A 94 -36.57 -61.09 29.21
N THR A 95 -37.58 -60.57 29.93
CA THR A 95 -37.65 -59.13 30.10
C THR A 95 -36.41 -58.58 30.81
N LEU A 96 -35.81 -59.37 31.70
CA LEU A 96 -34.56 -58.94 32.32
C LEU A 96 -33.49 -58.62 31.28
N ASP A 97 -33.26 -59.54 30.34
CA ASP A 97 -32.29 -59.28 29.28
C ASP A 97 -32.74 -58.12 28.39
N SER A 98 -34.05 -57.96 28.21
CA SER A 98 -34.55 -56.83 27.43
C SER A 98 -34.12 -55.50 28.06
N VAL A 99 -34.44 -55.29 29.33
CA VAL A 99 -34.11 -54.02 29.97
C VAL A 99 -32.61 -53.89 30.17
N ALA A 100 -31.89 -55.01 30.27
CA ALA A 100 -30.42 -54.94 30.27
C ALA A 100 -29.90 -54.34 28.97
N LYS A 101 -30.39 -54.86 27.84
CA LYS A 101 -30.02 -54.29 26.55
C LYS A 101 -30.36 -52.82 26.46
N GLU A 102 -31.56 -52.43 26.91
CA GLU A 102 -31.95 -51.03 26.85
C GLU A 102 -31.01 -50.16 27.68
N ARG A 103 -30.65 -50.62 28.88
CA ARG A 103 -29.74 -49.85 29.72
C ARG A 103 -28.37 -49.70 29.09
N ALA A 104 -27.87 -50.77 28.45
CA ALA A 104 -26.62 -50.66 27.72
C ALA A 104 -26.71 -49.62 26.62
N ARG A 105 -27.83 -49.59 25.89
CA ARG A 105 -28.02 -48.58 24.85
C ARG A 105 -27.98 -47.17 25.43
N LEU A 106 -28.75 -46.93 26.50
CA LEU A 106 -28.75 -45.62 27.12
C LEU A 106 -27.35 -45.21 27.56
N GLN A 107 -26.58 -46.14 28.13
CA GLN A 107 -25.23 -45.79 28.57
C GLN A 107 -24.34 -45.44 27.40
N LEU A 108 -24.43 -46.19 26.30
CA LEU A 108 -23.66 -45.87 25.10
C LEU A 108 -23.98 -44.47 24.59
N GLU A 109 -25.27 -44.18 24.42
CA GLU A 109 -25.65 -42.86 23.93
C GLU A 109 -25.20 -41.77 24.89
N LEU A 110 -25.31 -42.01 26.20
CA LEU A 110 -24.86 -41.04 27.18
C LEU A 110 -23.38 -40.71 27.00
N SER A 111 -22.54 -41.74 26.86
CA SER A 111 -21.12 -41.48 26.64
C SER A 111 -20.90 -40.72 25.34
N LYS A 112 -21.65 -41.08 24.29
CA LYS A 112 -21.52 -40.40 23.00
C LYS A 112 -21.79 -38.90 23.12
N VAL A 113 -22.91 -38.54 23.75
CA VAL A 113 -23.24 -37.13 23.91
C VAL A 113 -22.25 -36.44 24.84
N ARG A 114 -21.86 -37.12 25.92
CA ARG A 114 -20.90 -36.52 26.85
C ARG A 114 -19.55 -36.26 26.21
N GLU A 115 -19.20 -36.99 25.14
CA GLU A 115 -17.97 -36.74 24.41
C GLU A 115 -18.13 -35.65 23.38
N GLU A 116 -19.12 -35.79 22.47
CA GLU A 116 -19.34 -34.76 21.47
C GLU A 116 -19.77 -33.43 22.06
N PHE A 117 -20.08 -33.40 23.36
CA PHE A 117 -20.27 -32.14 24.06
C PHE A 117 -18.93 -31.52 24.44
N LYS A 118 -18.01 -32.33 24.96
CA LYS A 118 -16.67 -31.82 25.28
C LYS A 118 -15.99 -31.27 24.04
N GLU A 119 -16.12 -31.97 22.91
CA GLU A 119 -15.54 -31.47 21.67
C GLU A 119 -16.06 -30.07 21.37
N LEU A 120 -17.38 -29.87 21.43
CA LEU A 120 -17.95 -28.56 21.17
C LEU A 120 -17.49 -27.53 22.21
N LYS A 121 -17.30 -27.95 23.46
CA LYS A 121 -16.77 -27.03 24.46
C LYS A 121 -15.40 -26.50 24.05
N ALA A 122 -14.51 -27.40 23.61
CA ALA A 122 -13.18 -26.95 23.19
C ALA A 122 -13.26 -26.05 21.96
N ARG A 123 -14.02 -26.47 20.95
CA ARG A 123 -14.15 -25.68 19.73
C ARG A 123 -14.69 -24.29 20.03
N ASN A 124 -15.79 -24.22 20.78
CA ASN A 124 -16.39 -22.93 21.12
C ASN A 124 -15.46 -22.09 21.97
N THR A 125 -14.63 -22.73 22.81
CA THR A 125 -13.67 -21.97 23.60
C THR A 125 -12.65 -21.27 22.71
N LYS A 126 -11.98 -22.03 21.83
CA LYS A 126 -11.00 -21.40 20.96
C LYS A 126 -11.65 -20.38 20.03
N LYS A 127 -12.90 -20.64 19.63
CA LYS A 127 -13.61 -19.66 18.80
C LYS A 127 -13.88 -18.37 19.57
N GLU A 128 -14.24 -18.47 20.85
CA GLU A 128 -14.41 -17.27 21.66
C GLU A 128 -13.12 -16.47 21.74
N GLY A 129 -12.01 -17.14 22.04
CA GLY A 129 -10.73 -16.45 22.05
C GLY A 129 -10.44 -15.74 20.73
N ASP A 130 -10.63 -16.45 19.62
CA ASP A 130 -10.38 -15.86 18.31
C ASP A 130 -11.29 -14.66 18.05
N LEU A 131 -12.53 -14.71 18.54
CA LEU A 131 -13.43 -13.59 18.32
C LEU A 131 -13.00 -12.38 19.14
N ILE A 132 -12.57 -12.60 20.38
CA ILE A 132 -12.03 -11.49 21.18
C ILE A 132 -10.87 -10.83 20.45
N ALA A 133 -9.92 -11.64 19.96
CA ALA A 133 -8.79 -11.08 19.23
C ALA A 133 -9.23 -10.32 17.97
N ALA A 134 -10.18 -10.89 17.23
CA ALA A 134 -10.60 -10.26 15.97
C ALA A 134 -11.26 -8.91 16.24
N GLN A 135 -12.07 -8.82 17.31
CA GLN A 135 -12.71 -7.55 17.62
C GLN A 135 -11.70 -6.53 18.11
N ALA A 136 -10.74 -6.97 18.94
CA ALA A 136 -9.68 -6.06 19.39
C ALA A 136 -8.93 -5.47 18.21
N ARG A 137 -8.33 -6.34 17.38
CA ARG A 137 -7.59 -5.83 16.23
C ARG A 137 -8.48 -5.05 15.28
N LEU A 138 -9.78 -5.35 15.27
CA LEU A 138 -10.71 -4.59 14.45
C LEU A 138 -10.79 -3.13 14.92
N LYS A 139 -10.97 -2.92 16.22
CA LYS A 139 -10.98 -1.56 16.76
C LYS A 139 -9.64 -0.86 16.51
N ASP A 140 -8.54 -1.60 16.66
CA ASP A 140 -7.22 -1.05 16.35
C ASP A 140 -7.16 -0.53 14.92
N LEU A 141 -7.64 -1.33 13.97
CA LEU A 141 -7.57 -0.94 12.57
C LEU A 141 -8.46 0.26 12.28
N GLU A 142 -9.67 0.30 12.86
CA GLU A 142 -10.54 1.45 12.64
C GLU A 142 -9.87 2.74 13.13
N ALA A 143 -9.30 2.69 14.33
CA ALA A 143 -8.56 3.86 14.82
C ALA A 143 -7.42 4.23 13.87
N LEU A 144 -6.67 3.24 13.41
CA LEU A 144 -5.54 3.51 12.52
C LEU A 144 -6.00 4.18 11.23
N LEU A 145 -7.14 3.73 10.69
CA LEU A 145 -7.66 4.34 9.47
C LEU A 145 -8.07 5.79 9.71
N ASN A 146 -8.71 6.06 10.84
CA ASN A 146 -9.03 7.46 11.17
C ASN A 146 -7.76 8.31 11.22
N SER A 147 -6.72 7.80 11.87
CA SER A 147 -5.47 8.55 11.97
C SER A 147 -4.87 8.81 10.59
N LYS A 148 -4.83 7.78 9.73
CA LYS A 148 -4.29 7.99 8.39
C LYS A 148 -5.08 9.05 7.62
N GLU A 149 -6.42 9.02 7.75
CA GLU A 149 -7.20 10.05 7.08
C GLU A 149 -6.84 11.44 7.60
N ALA A 150 -6.68 11.58 8.92
CA ALA A 150 -6.23 12.85 9.48
C ALA A 150 -4.91 13.30 8.86
N ALA A 151 -3.94 12.38 8.81
CA ALA A 151 -2.64 12.70 8.23
C ALA A 151 -2.78 13.16 6.78
N LEU A 152 -3.64 12.50 6.01
CA LEU A 152 -3.84 12.90 4.63
C LEU A 152 -4.40 14.32 4.55
N SER A 153 -5.40 14.62 5.37
CA SER A 153 -6.00 15.96 5.33
C SER A 153 -4.98 17.04 5.69
N THR A 154 -4.18 16.81 6.73
CA THR A 154 -3.17 17.80 7.08
C THR A 154 -2.13 17.94 5.98
N ALA A 155 -1.77 16.84 5.32
CA ALA A 155 -0.79 16.89 4.25
C ALA A 155 -1.29 17.74 3.08
N LEU A 156 -2.52 17.47 2.62
CA LEU A 156 -3.09 18.26 1.54
C LEU A 156 -3.23 19.72 1.93
N SER A 157 -3.94 19.98 3.04
CA SER A 157 -4.14 21.36 3.46
C SER A 157 -2.86 22.02 3.96
N GLU A 158 -1.73 21.32 3.93
CA GLU A 158 -0.43 21.93 4.14
C GLU A 158 0.26 22.27 2.84
N LYS A 159 0.24 21.35 1.86
CA LYS A 159 0.83 21.68 0.57
C LYS A 159 0.05 22.77 -0.16
N ARG A 160 -1.21 23.01 0.22
CA ARG A 160 -1.89 24.20 -0.30
C ARG A 160 -1.20 25.48 0.17
N THR A 161 -0.93 25.58 1.47
CA THR A 161 -0.23 26.75 1.99
C THR A 161 1.17 26.82 1.38
N LEU A 162 1.80 25.67 1.14
CA LEU A 162 3.07 25.67 0.40
C LEU A 162 2.91 26.31 -0.97
N GLU A 163 1.80 26.02 -1.66
CA GLU A 163 1.56 26.66 -2.96
C GLU A 163 1.41 28.17 -2.80
N GLY A 164 0.76 28.62 -1.74
CA GLY A 164 0.69 30.06 -1.50
C GLY A 164 2.05 30.69 -1.32
N GLU A 165 2.88 30.08 -0.46
CA GLU A 165 4.24 30.60 -0.25
C GLU A 165 5.04 30.60 -1.54
N LEU A 166 4.88 29.57 -2.36
CA LEU A 166 5.55 29.54 -3.66
C LEU A 166 5.10 30.70 -4.54
N HIS A 167 3.80 31.00 -4.54
CA HIS A 167 3.31 32.14 -5.32
C HIS A 167 3.96 33.44 -4.85
N ASP A 168 3.95 33.67 -3.54
CA ASP A 168 4.59 34.88 -3.00
C ASP A 168 6.05 34.97 -3.44
N LEU A 169 6.80 33.87 -3.33
CA LEU A 169 8.21 33.90 -3.70
C LEU A 169 8.40 34.14 -5.20
N ARG A 170 7.50 33.60 -6.03
CA ARG A 170 7.54 33.93 -7.45
C ARG A 170 7.37 35.42 -7.66
N GLY A 171 6.44 36.05 -6.92
CA GLY A 171 6.33 37.49 -6.97
C GLY A 171 7.63 38.19 -6.63
N GLN A 172 8.25 37.77 -5.52
CA GLN A 172 9.51 38.38 -5.10
C GLN A 172 10.58 38.27 -6.17
N VAL A 173 10.76 37.06 -6.73
CA VAL A 173 11.79 36.86 -7.73
C VAL A 173 11.52 37.70 -8.97
N ALA A 174 10.25 37.81 -9.36
CA ALA A 174 9.91 38.63 -10.52
C ALA A 174 10.27 40.09 -10.28
N LYS A 175 9.88 40.62 -9.12
CA LYS A 175 10.17 42.02 -8.82
C LYS A 175 11.67 42.27 -8.77
N LEU A 176 12.42 41.40 -8.08
CA LEU A 176 13.86 41.57 -8.02
C LEU A 176 14.49 41.51 -9.40
N GLU A 177 14.07 40.55 -10.23
CA GLU A 177 14.63 40.46 -11.58
C GLU A 177 14.38 41.74 -12.37
N ALA A 178 13.15 42.25 -12.31
CA ALA A 178 12.86 43.51 -13.00
C ALA A 178 13.76 44.63 -12.49
N ALA A 179 13.87 44.76 -11.17
CA ALA A 179 14.68 45.85 -10.59
C ALA A 179 16.13 45.74 -11.02
N LEU A 180 16.71 44.54 -10.94
CA LEU A 180 18.09 44.34 -11.38
C LEU A 180 18.24 44.68 -12.87
N GLY A 181 17.24 44.33 -13.68
CA GLY A 181 17.30 44.67 -15.10
C GLY A 181 17.35 46.17 -15.32
N GLU A 182 16.46 46.90 -14.65
CA GLU A 182 16.48 48.36 -14.79
C GLU A 182 17.79 48.95 -14.28
N ALA A 183 18.37 48.37 -13.23
CA ALA A 183 19.66 48.83 -12.74
C ALA A 183 20.74 48.67 -13.80
N LYS A 184 20.82 47.49 -14.41
CA LYS A 184 21.83 47.29 -15.45
C LYS A 184 21.59 48.21 -16.64
N LYS A 185 20.33 48.44 -17.00
CA LYS A 185 20.02 49.37 -18.09
C LYS A 185 20.54 50.77 -17.77
N GLN A 186 20.21 51.29 -16.59
CA GLN A 186 20.66 52.63 -16.22
C GLN A 186 22.17 52.70 -16.16
N LEU A 187 22.82 51.64 -15.66
CA LEU A 187 24.28 51.59 -15.67
C LEU A 187 24.81 51.78 -17.08
N GLN A 188 24.30 50.99 -18.03
CA GLN A 188 24.75 51.14 -19.42
C GLN A 188 24.51 52.56 -19.93
N ASP A 189 23.37 53.15 -19.58
CA ASP A 189 23.09 54.52 -20.01
C ASP A 189 24.15 55.48 -19.49
N GLU A 190 24.50 55.37 -18.21
CA GLU A 190 25.51 56.27 -17.64
C GLU A 190 26.86 56.06 -18.31
N MSE A 191 27.20 54.83 -18.66
CA MSE A 191 28.46 54.58 -19.35
C MSE A 191 28.50 55.29 -20.70
O MSE A 191 29.47 55.98 -21.04
CB MSE A 191 28.70 53.08 -19.55
CG MSE A 191 28.83 52.31 -18.26
SE MSE A 191 29.63 50.57 -18.56
CE MSE A 191 31.46 51.17 -18.86
N LEU A 192 27.41 55.11 -21.46
CA LEU A 192 27.33 55.79 -22.76
C LEU A 192 27.44 57.30 -22.60
N ARG A 193 26.73 57.86 -21.61
CA ARG A 193 26.79 59.30 -21.41
C ARG A 193 28.21 59.75 -21.07
N ARG A 194 28.91 58.98 -20.23
CA ARG A 194 30.28 59.34 -19.87
C ARG A 194 31.19 59.35 -21.09
N VAL A 195 31.19 58.26 -21.87
CA VAL A 195 32.09 58.21 -23.02
C VAL A 195 31.73 59.29 -24.04
N ASP A 196 30.45 59.65 -24.13
CA ASP A 196 30.07 60.78 -24.96
C ASP A 196 30.75 62.05 -24.46
N ALA A 197 30.66 62.31 -23.16
CA ALA A 197 31.29 63.50 -22.59
C ALA A 197 32.80 63.50 -22.85
N GLU A 198 33.43 62.32 -22.81
CA GLU A 198 34.87 62.25 -23.05
C GLU A 198 35.21 62.53 -24.51
N ASN A 199 34.41 62.01 -25.44
CA ASN A 199 34.64 62.30 -26.85
C ASN A 199 34.49 63.79 -27.13
N ARG A 200 33.42 64.41 -26.61
CA ARG A 200 33.25 65.84 -26.82
C ARG A 200 34.40 66.63 -26.19
N LEU A 201 34.89 66.18 -25.04
CA LEU A 201 36.08 66.80 -24.45
C LEU A 201 37.28 66.71 -25.40
N GLN A 202 37.48 65.55 -26.03
CA GLN A 202 38.61 65.42 -26.95
C GLN A 202 38.47 66.36 -28.14
N THR A 203 37.29 66.41 -28.75
CA THR A 203 37.10 67.29 -29.90
C THR A 203 37.32 68.76 -29.51
N MSE A 204 36.86 69.15 -28.33
CA MSE A 204 37.12 70.52 -27.89
C MSE A 204 38.62 70.74 -27.69
O MSE A 204 39.13 71.81 -27.98
CB MSE A 204 36.36 70.84 -26.60
CG MSE A 204 34.90 71.16 -26.81
SE MSE A 204 34.06 71.81 -25.19
CE MSE A 204 32.22 71.98 -25.84
N LYS A 205 39.32 69.71 -27.19
CA LYS A 205 40.76 69.82 -27.01
C LYS A 205 41.47 69.98 -28.34
N GLU A 206 40.91 69.42 -29.41
CA GLU A 206 41.47 69.63 -30.74
C GLU A 206 41.15 71.03 -31.25
N GLU A 207 39.93 71.50 -31.00
CA GLU A 207 39.56 72.85 -31.41
C GLU A 207 40.43 73.89 -30.72
N LEU A 208 40.76 73.67 -29.45
CA LEU A 208 41.58 74.61 -28.70
C LEU A 208 42.92 74.84 -29.37
N ASP A 209 43.54 73.78 -29.88
CA ASP A 209 44.78 73.92 -30.63
C ASP A 209 44.56 74.32 -32.09
N PHE A 210 43.33 74.23 -32.58
CA PHE A 210 43.10 74.67 -33.96
C PHE A 210 42.94 76.19 -34.03
N GLN A 211 42.07 76.76 -33.20
CA GLN A 211 41.87 78.20 -33.21
C GLN A 211 43.15 78.95 -32.92
N LYS A 212 44.11 78.31 -32.23
CA LYS A 212 45.41 78.92 -32.01
C LYS A 212 46.16 79.10 -33.33
N ASN A 213 46.18 78.06 -34.17
CA ASN A 213 46.87 78.17 -35.45
C ASN A 213 46.14 79.10 -36.41
N ILE A 214 44.80 79.12 -36.35
CA ILE A 214 44.06 80.09 -37.15
C ILE A 214 44.43 81.51 -36.72
N TYR A 215 44.45 81.75 -35.40
CA TYR A 215 44.88 83.06 -34.91
C TYR A 215 46.25 83.43 -35.43
N SER A 216 47.22 82.51 -35.32
CA SER A 216 48.58 82.83 -35.76
C SER A 216 48.61 83.15 -37.25
N GLU A 217 47.81 82.43 -38.04
CA GLU A 217 47.78 82.70 -39.48
C GLU A 217 47.20 84.08 -39.77
N GLU A 218 46.07 84.42 -39.13
CA GLU A 218 45.45 85.71 -39.38
C GLU A 218 46.34 86.85 -38.91
N LEU A 219 47.03 86.66 -37.79
CA LEU A 219 47.99 87.66 -37.32
C LEU A 219 49.12 87.85 -38.33
N ARG A 220 49.67 86.75 -38.85
CA ARG A 220 50.71 86.87 -39.87
C ARG A 220 50.20 87.65 -41.07
N GLU A 221 49.02 87.29 -41.58
CA GLU A 221 48.52 87.94 -42.79
C GLU A 221 48.28 89.43 -42.54
N THR A 222 47.65 89.77 -41.41
CA THR A 222 47.31 91.17 -41.17
C THR A 222 48.56 92.01 -40.93
N LYS A 223 49.59 91.44 -40.28
CA LYS A 223 50.83 92.19 -40.12
C LYS A 223 51.56 92.35 -41.44
N ARG A 224 51.50 91.33 -42.31
CA ARG A 224 52.12 91.43 -43.61
C ARG A 224 51.43 92.49 -44.47
N ARG A 225 50.10 92.57 -44.38
CA ARG A 225 49.37 93.57 -45.15
C ARG A 225 49.69 94.97 -44.63
N HIS A 226 49.67 95.16 -43.31
CA HIS A 226 50.04 96.45 -42.74
C HIS A 226 51.44 96.85 -43.18
N GLU A 227 52.38 95.91 -43.16
CA GLU A 227 53.74 96.20 -43.58
C GLU A 227 53.81 96.56 -45.06
N THR A 228 52.97 95.94 -45.89
CA THR A 228 52.93 96.31 -47.30
C THR A 228 52.44 97.75 -47.47
N ARG A 229 51.41 98.13 -46.71
CA ARG A 229 50.92 99.51 -46.76
C ARG A 229 52.02 100.49 -46.38
N LEU A 230 52.64 100.27 -45.22
CA LEU A 230 53.66 101.20 -44.72
C LEU A 230 54.85 101.27 -45.67
N VAL A 231 55.30 100.11 -46.18
CA VAL A 231 56.43 100.10 -47.12
C VAL A 231 56.08 100.84 -48.39
N GLU A 232 54.85 100.68 -48.88
CA GLU A 232 54.43 101.46 -50.05
C GLU A 232 54.47 102.95 -49.77
N ILE A 233 54.04 103.36 -48.56
CA ILE A 233 54.06 104.77 -48.22
C ILE A 233 55.49 105.31 -48.19
N ASP A 234 56.40 104.57 -47.54
CA ASP A 234 57.80 105.00 -47.50
C ASP A 234 58.41 105.07 -48.89
N ASN A 235 58.09 104.09 -49.74
CA ASN A 235 58.63 104.08 -51.10
C ASN A 235 58.12 105.28 -51.90
N GLY A 236 56.86 105.65 -51.72
CA GLY A 236 56.37 106.88 -52.34
C GLY A 236 57.08 108.11 -51.81
N LYS A 237 57.29 108.17 -50.49
CA LYS A 237 58.04 109.26 -49.88
C LYS A 237 59.39 109.44 -50.55
N GLN A 238 60.22 108.39 -50.54
CA GLN A 238 61.53 108.51 -51.15
C GLN A 238 61.46 108.72 -52.66
N ARG A 239 60.37 108.28 -53.29
CA ARG A 239 60.18 108.56 -54.72
C ARG A 239 60.08 110.06 -54.97
N GLU A 240 59.19 110.74 -54.25
CA GLU A 240 59.10 112.19 -54.42
C GLU A 240 60.37 112.88 -53.94
N PHE A 241 61.05 112.30 -52.94
CA PHE A 241 62.31 112.86 -52.46
C PHE A 241 63.36 112.90 -53.56
N GLU A 242 63.65 111.74 -54.16
CA GLU A 242 64.63 111.69 -55.23
C GLU A 242 64.18 112.53 -56.43
N SER A 243 62.88 112.51 -56.72
CA SER A 243 62.37 113.29 -57.86
C SER A 243 62.64 114.78 -57.69
N ARG A 244 62.29 115.33 -56.52
CA ARG A 244 62.51 116.76 -56.30
C ARG A 244 63.99 117.08 -56.10
N LEU A 245 64.78 116.11 -55.62
CA LEU A 245 66.20 116.36 -55.41
C LEU A 245 66.94 116.47 -56.74
N ALA A 246 66.66 115.55 -57.68
CA ALA A 246 67.23 115.70 -59.01
C ALA A 246 66.63 116.89 -59.76
N ASP A 247 65.34 117.17 -59.53
CA ASP A 247 64.71 118.36 -60.11
C ASP A 247 65.48 119.62 -59.74
N ALA A 248 65.75 119.82 -58.44
CA ALA A 248 66.56 120.96 -58.04
C ALA A 248 68.01 120.81 -58.49
N LEU A 249 68.47 119.57 -58.69
CA LEU A 249 69.82 119.35 -59.22
C LEU A 249 69.94 119.87 -60.64
N GLN A 250 68.84 119.92 -61.39
CA GLN A 250 68.87 120.50 -62.73
C GLN A 250 69.04 122.01 -62.72
N GLU A 251 69.12 122.63 -61.54
CA GLU A 251 69.35 124.07 -61.42
C GLU A 251 68.24 124.86 -62.12
N TYR B 49 -53.92 -123.04 53.48
CA TYR B 49 -53.79 -121.91 52.58
C TYR B 49 -54.42 -120.66 53.20
N ILE B 50 -54.64 -120.69 54.51
CA ILE B 50 -55.18 -119.54 55.22
C ILE B 50 -54.09 -118.56 55.66
N ASP B 51 -52.85 -119.02 55.80
CA ASP B 51 -51.76 -118.14 56.22
C ASP B 51 -51.47 -117.09 55.16
N ARG B 52 -51.66 -117.40 53.89
CA ARG B 52 -51.47 -116.41 52.83
C ARG B 52 -52.60 -115.38 52.83
N VAL B 53 -53.81 -115.80 53.22
CA VAL B 53 -54.89 -114.84 53.43
C VAL B 53 -54.55 -113.90 54.58
N ARG B 54 -53.96 -114.45 55.65
CA ARG B 54 -53.46 -113.60 56.73
C ARG B 54 -52.36 -112.67 56.22
N SER B 55 -51.56 -113.14 55.25
CA SER B 55 -50.56 -112.27 54.64
C SER B 55 -51.22 -111.13 53.88
N LEU B 56 -52.37 -111.40 53.25
CA LEU B 56 -53.12 -110.34 52.60
C LEU B 56 -53.65 -109.33 53.62
N GLU B 57 -54.15 -109.82 54.76
CA GLU B 57 -54.63 -108.93 55.80
C GLU B 57 -53.51 -108.04 56.34
N THR B 58 -52.32 -108.61 56.53
CA THR B 58 -51.19 -107.80 56.96
C THR B 58 -50.79 -106.80 55.88
N GLU B 59 -50.92 -107.18 54.61
CA GLU B 59 -50.66 -106.24 53.52
C GLU B 59 -51.63 -105.06 53.57
N ASN B 60 -52.89 -105.32 53.92
CA ASN B 60 -53.86 -104.24 54.10
C ASN B 60 -53.46 -103.35 55.27
N ALA B 61 -53.13 -103.95 56.42
CA ALA B 61 -52.71 -103.19 57.59
C ALA B 61 -51.49 -102.33 57.27
N GLY B 62 -50.66 -102.76 56.32
CA GLY B 62 -49.54 -101.94 55.88
C GLY B 62 -49.97 -100.84 54.92
N LEU B 63 -50.95 -101.14 54.06
CA LEU B 63 -51.48 -100.14 53.14
C LEU B 63 -52.15 -98.98 53.87
N ARG B 64 -52.63 -99.22 55.10
CA ARG B 64 -53.24 -98.15 55.90
C ARG B 64 -52.34 -96.91 55.96
N LEU B 65 -51.08 -97.09 56.35
CA LEU B 65 -50.17 -95.95 56.41
C LEU B 65 -49.82 -95.44 55.02
N ARG B 66 -49.77 -96.32 54.02
CA ARG B 66 -49.43 -95.91 52.67
C ARG B 66 -50.47 -94.93 52.12
N ILE B 67 -51.74 -95.09 52.49
CA ILE B 67 -52.72 -94.08 52.07
C ILE B 67 -52.73 -92.91 53.06
N THR B 68 -52.49 -93.17 54.35
CA THR B 68 -52.57 -92.10 55.34
C THR B 68 -51.52 -91.00 55.08
N GLU B 69 -50.30 -91.40 54.72
CA GLU B 69 -49.18 -90.45 54.64
C GLU B 69 -49.24 -89.54 53.42
N SER B 70 -50.14 -89.82 52.46
CA SER B 70 -50.11 -89.12 51.18
C SER B 70 -50.24 -87.61 51.34
N GLU B 71 -50.98 -87.16 52.34
CA GLU B 71 -51.21 -85.73 52.55
C GLU B 71 -49.89 -84.99 52.77
N GLU B 72 -49.18 -85.34 53.84
CA GLU B 72 -47.90 -84.70 54.13
C GLU B 72 -46.85 -85.03 53.09
N VAL B 73 -46.97 -86.19 52.43
CA VAL B 73 -46.04 -86.52 51.35
C VAL B 73 -46.12 -85.48 50.24
N VAL B 74 -47.33 -85.27 49.69
CA VAL B 74 -47.46 -84.33 48.58
C VAL B 74 -47.28 -82.89 49.06
N SER B 75 -47.62 -82.60 50.31
CA SER B 75 -47.40 -81.26 50.84
C SER B 75 -45.91 -80.93 50.88
N ARG B 76 -45.09 -81.84 51.41
CA ARG B 76 -43.66 -81.62 51.42
C ARG B 76 -43.07 -81.66 50.01
N GLU B 77 -43.69 -82.43 49.10
CA GLU B 77 -43.24 -82.43 47.71
C GLU B 77 -43.52 -81.09 47.04
N VAL B 78 -44.52 -80.35 47.52
CA VAL B 78 -44.86 -79.06 46.94
C VAL B 78 -44.07 -77.92 47.59
N SER B 79 -43.81 -78.00 48.90
CA SER B 79 -43.20 -76.89 49.61
C SER B 79 -41.80 -76.56 49.09
N GLY B 80 -41.02 -77.58 48.74
CA GLY B 80 -39.69 -77.31 48.21
C GLY B 80 -39.73 -76.64 46.84
N ILE B 81 -40.63 -77.10 45.97
CA ILE B 81 -40.83 -76.45 44.68
C ILE B 81 -41.21 -74.99 44.85
N LYS B 82 -42.23 -74.73 45.67
CA LYS B 82 -42.65 -73.36 45.91
C LYS B 82 -41.51 -72.51 46.46
N ALA B 83 -40.77 -73.04 47.43
CA ALA B 83 -39.70 -72.26 48.05
C ALA B 83 -38.63 -71.89 47.03
N ALA B 84 -38.11 -72.89 46.30
CA ALA B 84 -37.02 -72.60 45.35
C ALA B 84 -37.49 -71.65 44.26
N TYR B 85 -38.65 -71.94 43.65
CA TYR B 85 -39.13 -71.12 42.54
C TYR B 85 -39.44 -69.69 42.99
N GLU B 86 -40.07 -69.54 44.15
CA GLU B 86 -40.38 -68.20 44.64
C GLU B 86 -39.12 -67.42 45.01
N ALA B 87 -38.09 -68.11 45.51
CA ALA B 87 -36.82 -67.43 45.78
C ALA B 87 -36.18 -66.94 44.49
N GLU B 88 -36.11 -67.81 43.47
CA GLU B 88 -35.54 -67.41 42.19
C GLU B 88 -36.31 -66.22 41.60
N LEU B 89 -37.64 -66.32 41.56
CA LEU B 89 -38.44 -65.26 40.98
C LEU B 89 -38.31 -63.96 41.77
N GLY B 90 -38.25 -64.05 43.10
CA GLY B 90 -38.09 -62.86 43.90
C GLY B 90 -36.78 -62.15 43.65
N ASP B 91 -35.67 -62.91 43.60
CA ASP B 91 -34.39 -62.29 43.30
C ASP B 91 -34.36 -61.72 41.88
N ALA B 92 -35.03 -62.40 40.95
CA ALA B 92 -35.14 -61.89 39.58
C ALA B 92 -35.83 -60.53 39.56
N ARG B 93 -36.95 -60.41 40.28
CA ARG B 93 -37.65 -59.12 40.32
C ARG B 93 -36.81 -58.07 41.01
N LYS B 94 -36.06 -58.45 42.04
CA LYS B 94 -35.14 -57.52 42.70
C LYS B 94 -34.15 -56.93 41.71
N THR B 95 -33.37 -57.79 41.04
CA THR B 95 -32.37 -57.29 40.09
C THR B 95 -33.04 -56.50 38.97
N LEU B 96 -34.20 -56.97 38.49
CA LEU B 96 -34.91 -56.26 37.43
C LEU B 96 -35.23 -54.83 37.85
N ASP B 97 -35.79 -54.66 39.05
CA ASP B 97 -36.12 -53.31 39.51
C ASP B 97 -34.88 -52.46 39.73
N SER B 98 -33.77 -53.07 40.17
CA SER B 98 -32.54 -52.30 40.29
C SER B 98 -32.10 -51.76 38.94
N VAL B 99 -32.06 -52.62 37.93
CA VAL B 99 -31.67 -52.20 36.59
C VAL B 99 -32.62 -51.14 36.06
N ALA B 100 -33.92 -51.27 36.36
CA ALA B 100 -34.89 -50.28 35.89
C ALA B 100 -34.63 -48.91 36.53
N LYS B 101 -34.44 -48.89 37.85
CA LYS B 101 -34.14 -47.63 38.52
C LYS B 101 -32.81 -47.04 38.07
N GLU B 102 -31.89 -47.87 37.55
CA GLU B 102 -30.69 -47.32 36.94
C GLU B 102 -31.01 -46.72 35.57
N ARG B 103 -31.86 -47.38 34.80
CA ARG B 103 -32.18 -46.91 33.45
C ARG B 103 -32.92 -45.58 33.49
N ALA B 104 -33.82 -45.40 34.48
CA ALA B 104 -34.49 -44.11 34.62
C ALA B 104 -33.48 -42.99 34.84
N ARG B 105 -32.57 -43.18 35.79
CA ARG B 105 -31.53 -42.18 36.05
C ARG B 105 -30.73 -41.88 34.79
N LEU B 106 -30.34 -42.93 34.06
CA LEU B 106 -29.57 -42.73 32.83
C LEU B 106 -30.33 -41.85 31.84
N GLN B 107 -31.61 -42.15 31.62
CA GLN B 107 -32.37 -41.37 30.65
C GLN B 107 -32.52 -39.92 31.11
N LEU B 108 -32.73 -39.71 32.41
CA LEU B 108 -32.80 -38.34 32.93
C LEU B 108 -31.52 -37.57 32.63
N GLU B 109 -30.37 -38.13 33.05
CA GLU B 109 -29.11 -37.43 32.79
C GLU B 109 -28.91 -37.20 31.29
N LEU B 110 -29.35 -38.15 30.46
CA LEU B 110 -29.18 -37.99 29.02
C LEU B 110 -30.00 -36.81 28.49
N SER B 111 -31.24 -36.68 28.95
CA SER B 111 -32.04 -35.52 28.54
C SER B 111 -31.40 -34.22 29.02
N LYS B 112 -30.86 -34.22 30.24
CA LYS B 112 -30.19 -33.03 30.76
C LYS B 112 -29.01 -32.62 29.87
N VAL B 113 -28.10 -33.56 29.60
CA VAL B 113 -26.91 -33.21 28.82
C VAL B 113 -27.29 -32.88 27.38
N ARG B 114 -28.37 -33.45 26.86
CA ARG B 114 -28.85 -33.04 25.54
C ARG B 114 -29.31 -31.58 25.55
N GLU B 115 -30.05 -31.17 26.58
CA GLU B 115 -30.43 -29.77 26.71
C GLU B 115 -29.21 -28.86 26.74
N GLU B 116 -28.22 -29.21 27.58
CA GLU B 116 -26.99 -28.42 27.63
C GLU B 116 -26.34 -28.33 26.26
N PHE B 117 -26.29 -29.46 25.54
CA PHE B 117 -25.65 -29.47 24.24
C PHE B 117 -26.37 -28.54 23.27
N LYS B 118 -27.70 -28.53 23.30
CA LYS B 118 -28.44 -27.64 22.40
C LYS B 118 -28.16 -26.17 22.72
N GLU B 119 -28.20 -25.81 24.02
CA GLU B 119 -27.88 -24.44 24.40
C GLU B 119 -26.50 -24.02 23.89
N LEU B 120 -25.47 -24.80 24.24
CA LEU B 120 -24.11 -24.42 23.84
C LEU B 120 -23.93 -24.45 22.33
N LYS B 121 -24.68 -25.29 21.62
CA LYS B 121 -24.60 -25.28 20.16
C LYS B 121 -25.15 -23.98 19.59
N ALA B 122 -26.29 -23.51 20.11
CA ALA B 122 -26.82 -22.22 19.63
C ALA B 122 -25.84 -21.08 19.91
N ARG B 123 -25.35 -21.00 21.15
CA ARG B 123 -24.39 -19.96 21.49
C ARG B 123 -23.17 -20.01 20.57
N ASN B 124 -22.62 -21.21 20.35
CA ASN B 124 -21.46 -21.35 19.49
C ASN B 124 -21.75 -20.90 18.07
N THR B 125 -22.92 -21.28 17.54
CA THR B 125 -23.30 -20.86 16.20
C THR B 125 -23.30 -19.34 16.06
N LYS B 126 -23.96 -18.65 16.99
CA LYS B 126 -23.94 -17.19 16.94
C LYS B 126 -22.52 -16.64 17.02
N LYS B 127 -21.70 -17.18 17.93
CA LYS B 127 -20.33 -16.68 18.06
C LYS B 127 -19.55 -16.84 16.75
N GLU B 128 -19.66 -18.00 16.11
CA GLU B 128 -18.91 -18.22 14.88
C GLU B 128 -19.41 -17.33 13.75
N GLY B 129 -20.72 -17.08 13.70
CA GLY B 129 -21.23 -16.08 12.76
C GLY B 129 -20.62 -14.72 12.99
N ASP B 130 -20.56 -14.29 14.25
CA ASP B 130 -19.93 -13.01 14.59
C ASP B 130 -18.47 -12.99 14.18
N LEU B 131 -17.76 -14.12 14.35
CA LEU B 131 -16.35 -14.18 13.96
C LEU B 131 -16.18 -14.05 12.45
N ILE B 132 -17.05 -14.72 11.68
CA ILE B 132 -17.00 -14.58 10.22
C ILE B 132 -17.19 -13.13 9.82
N ALA B 133 -18.23 -12.49 10.37
CA ALA B 133 -18.46 -11.08 10.07
C ALA B 133 -17.24 -10.23 10.41
N ALA B 134 -16.64 -10.50 11.58
CA ALA B 134 -15.45 -9.74 11.99
C ALA B 134 -14.31 -9.92 10.99
N GLN B 135 -14.13 -11.13 10.49
CA GLN B 135 -13.05 -11.37 9.52
C GLN B 135 -13.33 -10.64 8.21
N ALA B 136 -14.58 -10.63 7.75
CA ALA B 136 -14.92 -9.86 6.55
C ALA B 136 -14.61 -8.38 6.73
N ARG B 137 -15.05 -7.80 7.86
CA ARG B 137 -14.77 -6.40 8.12
C ARG B 137 -13.27 -6.13 8.19
N LEU B 138 -12.51 -7.08 8.75
CA LEU B 138 -11.06 -6.93 8.77
C LEU B 138 -10.49 -6.86 7.36
N LYS B 139 -10.95 -7.75 6.47
CA LYS B 139 -10.50 -7.71 5.08
C LYS B 139 -10.77 -6.34 4.46
N ASP B 140 -12.01 -5.87 4.53
CA ASP B 140 -12.35 -4.56 3.99
C ASP B 140 -11.44 -3.47 4.56
N LEU B 141 -11.22 -3.50 5.87
CA LEU B 141 -10.40 -2.46 6.51
C LEU B 141 -8.97 -2.49 6.01
N GLU B 142 -8.40 -3.69 5.83
CA GLU B 142 -7.03 -3.75 5.35
C GLU B 142 -6.92 -3.20 3.93
N ALA B 143 -7.91 -3.50 3.09
CA ALA B 143 -7.92 -2.91 1.75
C ALA B 143 -7.96 -1.38 1.83
N LEU B 144 -8.88 -0.83 2.64
CA LEU B 144 -8.97 0.62 2.77
C LEU B 144 -7.68 1.21 3.32
N LEU B 145 -7.03 0.50 4.24
CA LEU B 145 -5.77 0.97 4.79
C LEU B 145 -4.71 1.09 3.71
N ASN B 146 -4.57 0.05 2.87
CA ASN B 146 -3.58 0.12 1.80
C ASN B 146 -3.87 1.27 0.85
N SER B 147 -5.13 1.44 0.44
CA SER B 147 -5.45 2.53 -0.48
C SER B 147 -5.13 3.89 0.15
N LYS B 148 -5.56 4.09 1.40
CA LYS B 148 -5.31 5.35 2.09
C LYS B 148 -3.82 5.62 2.20
N GLU B 149 -3.02 4.60 2.54
CA GLU B 149 -1.58 4.79 2.64
C GLU B 149 -1.00 5.17 1.29
N ALA B 150 -1.52 4.61 0.20
CA ALA B 150 -1.07 5.01 -1.12
C ALA B 150 -1.32 6.49 -1.36
N ALA B 151 -2.55 6.95 -1.09
CA ALA B 151 -2.86 8.37 -1.26
C ALA B 151 -1.95 9.24 -0.40
N LEU B 152 -1.68 8.80 0.84
CA LEU B 152 -0.87 9.59 1.74
C LEU B 152 0.58 9.69 1.26
N SER B 153 1.14 8.57 0.77
CA SER B 153 2.51 8.59 0.25
C SER B 153 2.61 9.51 -0.96
N THR B 154 1.68 9.37 -1.91
CA THR B 154 1.68 10.26 -3.07
C THR B 154 1.62 11.72 -2.64
N ALA B 155 0.74 12.04 -1.69
CA ALA B 155 0.64 13.41 -1.21
C ALA B 155 1.95 13.88 -0.58
N LEU B 156 2.58 13.02 0.22
CA LEU B 156 3.82 13.42 0.88
C LEU B 156 4.93 13.69 -0.13
N SER B 157 5.06 12.86 -1.16
CA SER B 157 6.08 13.14 -2.17
C SER B 157 5.77 14.43 -2.92
N GLU B 158 4.53 14.58 -3.40
CA GLU B 158 4.14 15.78 -4.12
C GLU B 158 4.30 17.04 -3.27
N LYS B 159 4.31 16.90 -1.94
CA LYS B 159 4.62 18.03 -1.07
C LYS B 159 6.11 18.24 -0.89
N ARG B 160 6.89 17.15 -0.79
CA ARG B 160 8.34 17.30 -0.66
C ARG B 160 8.95 18.00 -1.86
N THR B 161 8.46 17.67 -3.06
CA THR B 161 8.95 18.40 -4.24
C THR B 161 8.64 19.88 -4.14
N LEU B 162 7.45 20.23 -3.62
CA LEU B 162 7.11 21.64 -3.44
C LEU B 162 8.06 22.30 -2.46
N GLU B 163 8.37 21.63 -1.35
CA GLU B 163 9.33 22.17 -0.40
C GLU B 163 10.68 22.43 -1.05
N GLY B 164 11.16 21.47 -1.84
CA GLY B 164 12.41 21.69 -2.56
C GLY B 164 12.36 22.91 -3.45
N GLU B 165 11.29 23.05 -4.24
CA GLU B 165 11.15 24.23 -5.10
C GLU B 165 11.14 25.51 -4.28
N LEU B 166 10.50 25.47 -3.10
CA LEU B 166 10.48 26.64 -2.22
C LEU B 166 11.89 27.02 -1.79
N HIS B 167 12.67 26.04 -1.35
CA HIS B 167 14.04 26.33 -0.91
C HIS B 167 14.88 26.89 -2.04
N ASP B 168 14.78 26.28 -3.23
CA ASP B 168 15.49 26.82 -4.39
C ASP B 168 15.09 28.27 -4.66
N LEU B 169 13.80 28.57 -4.57
CA LEU B 169 13.35 29.94 -4.77
C LEU B 169 13.95 30.87 -3.72
N ARG B 170 14.10 30.39 -2.48
CA ARG B 170 14.68 31.22 -1.43
C ARG B 170 16.14 31.56 -1.75
N GLY B 171 16.93 30.55 -2.10
CA GLY B 171 18.31 30.82 -2.49
C GLY B 171 18.40 31.78 -3.66
N GLN B 172 17.52 31.59 -4.66
CA GLN B 172 17.46 32.51 -5.80
C GLN B 172 17.20 33.94 -5.34
N VAL B 173 16.25 34.12 -4.41
CA VAL B 173 15.98 35.46 -3.89
C VAL B 173 17.22 36.05 -3.23
N ALA B 174 17.92 35.25 -2.43
CA ALA B 174 19.11 35.75 -1.75
C ALA B 174 20.15 36.25 -2.75
N LYS B 175 20.52 35.39 -3.72
CA LYS B 175 21.56 35.80 -4.66
C LYS B 175 21.10 36.93 -5.57
N LEU B 176 19.79 37.04 -5.83
CA LEU B 176 19.31 38.18 -6.59
C LEU B 176 19.43 39.47 -5.78
N GLU B 177 19.16 39.41 -4.48
CA GLU B 177 19.39 40.58 -3.62
C GLU B 177 20.85 41.00 -3.65
N ALA B 178 21.76 40.03 -3.50
CA ALA B 178 23.19 40.35 -3.55
C ALA B 178 23.56 41.00 -4.88
N ALA B 179 23.22 40.35 -5.99
CA ALA B 179 23.57 40.88 -7.30
C ALA B 179 22.98 42.26 -7.53
N LEU B 180 21.77 42.50 -7.03
CA LEU B 180 21.15 43.80 -7.16
C LEU B 180 21.91 44.87 -6.39
N GLY B 181 22.32 44.56 -5.15
CA GLY B 181 23.14 45.51 -4.41
C GLY B 181 24.42 45.86 -5.15
N GLU B 182 25.11 44.83 -5.66
CA GLU B 182 26.33 45.07 -6.42
C GLU B 182 26.06 45.97 -7.63
N ALA B 183 24.97 45.71 -8.35
CA ALA B 183 24.64 46.53 -9.51
C ALA B 183 24.36 47.97 -9.10
N LYS B 184 23.72 48.17 -7.94
CA LYS B 184 23.48 49.52 -7.46
C LYS B 184 24.78 50.26 -7.18
N LYS B 185 25.72 49.61 -6.49
CA LYS B 185 27.00 50.25 -6.23
C LYS B 185 27.72 50.60 -7.53
N GLN B 186 27.75 49.67 -8.49
CA GLN B 186 28.36 49.98 -9.77
C GLN B 186 27.67 51.16 -10.45
N LEU B 187 26.34 51.25 -10.30
CA LEU B 187 25.61 52.37 -10.89
C LEU B 187 26.04 53.68 -10.25
N GLN B 188 26.19 53.71 -8.92
CA GLN B 188 26.62 54.93 -8.24
C GLN B 188 28.00 55.34 -8.70
N ASP B 189 28.93 54.39 -8.80
CA ASP B 189 30.29 54.72 -9.23
C ASP B 189 30.31 55.29 -10.64
N GLU B 190 29.64 54.61 -11.59
CA GLU B 190 29.62 55.10 -12.97
C GLU B 190 28.88 56.42 -13.10
N MSE B 191 27.88 56.67 -12.24
CA MSE B 191 27.21 57.95 -12.26
C MSE B 191 28.16 59.06 -11.83
O MSE B 191 28.24 60.10 -12.48
CB MSE B 191 25.98 57.94 -11.36
CG MSE B 191 25.13 59.19 -11.52
SE MSE B 191 23.42 59.04 -10.61
CE MSE B 191 22.51 60.56 -11.44
N LEU B 192 28.88 58.82 -10.73
CA LEU B 192 29.89 59.78 -10.30
C LEU B 192 30.88 60.07 -11.43
N ARG B 193 31.38 59.01 -12.08
CA ARG B 193 32.34 59.20 -13.16
C ARG B 193 31.74 60.01 -14.31
N ARG B 194 30.48 59.75 -14.65
CA ARG B 194 29.82 60.53 -15.70
C ARG B 194 29.72 61.99 -15.33
N VAL B 195 29.23 62.27 -14.12
CA VAL B 195 29.10 63.65 -13.65
C VAL B 195 30.45 64.36 -13.71
N ASP B 196 31.51 63.71 -13.23
CA ASP B 196 32.83 64.34 -13.28
C ASP B 196 33.27 64.60 -14.72
N ALA B 197 33.01 63.64 -15.63
CA ALA B 197 33.37 63.84 -17.02
C ALA B 197 32.65 65.04 -17.62
N GLU B 198 31.38 65.22 -17.27
CA GLU B 198 30.65 66.39 -17.76
C GLU B 198 31.18 67.68 -17.15
N ASN B 199 31.60 67.64 -15.88
CA ASN B 199 32.26 68.78 -15.28
C ASN B 199 33.51 69.18 -16.06
N ARG B 200 34.38 68.20 -16.34
CA ARG B 200 35.61 68.50 -17.07
C ARG B 200 35.30 69.00 -18.48
N LEU B 201 34.25 68.47 -19.11
CA LEU B 201 33.83 68.98 -20.41
C LEU B 201 33.45 70.45 -20.32
N GLN B 202 32.64 70.80 -19.31
CA GLN B 202 32.24 72.20 -19.16
C GLN B 202 33.44 73.10 -18.93
N THR B 203 34.36 72.69 -18.05
CA THR B 203 35.56 73.49 -17.81
C THR B 203 36.34 73.71 -19.11
N MSE B 204 36.52 72.64 -19.88
CA MSE B 204 37.21 72.74 -21.17
C MSE B 204 36.49 73.75 -22.07
O MSE B 204 37.15 74.53 -22.76
CB MSE B 204 37.27 71.37 -21.84
CG MSE B 204 37.82 71.37 -23.26
SE MSE B 204 39.62 72.11 -23.36
CE MSE B 204 40.54 70.83 -22.20
N LYS B 205 35.16 73.72 -22.06
CA LYS B 205 34.39 74.66 -22.86
C LYS B 205 34.66 76.10 -22.44
N GLU B 206 34.67 76.35 -21.13
CA GLU B 206 34.94 77.70 -20.63
C GLU B 206 36.33 78.17 -21.06
N GLU B 207 37.33 77.31 -20.90
CA GLU B 207 38.68 77.66 -21.34
C GLU B 207 38.71 77.98 -22.83
N LEU B 208 38.03 77.18 -23.64
CA LEU B 208 38.02 77.40 -25.08
C LEU B 208 37.40 78.74 -25.43
N ASP B 209 36.26 79.06 -24.83
CA ASP B 209 35.63 80.35 -25.10
C ASP B 209 36.51 81.50 -24.66
N PHE B 210 37.19 81.33 -23.52
CA PHE B 210 38.14 82.34 -23.05
C PHE B 210 39.22 82.62 -24.10
N GLN B 211 39.91 81.56 -24.55
CA GLN B 211 40.98 81.76 -25.55
C GLN B 211 40.43 82.37 -26.84
N LYS B 212 39.23 81.95 -27.25
CA LYS B 212 38.63 82.50 -28.47
C LYS B 212 38.44 84.00 -28.34
N ASN B 213 37.81 84.44 -27.24
CA ASN B 213 37.59 85.87 -27.05
C ASN B 213 38.91 86.62 -26.96
N ILE B 214 39.93 86.03 -26.33
CA ILE B 214 41.23 86.67 -26.24
C ILE B 214 41.79 86.94 -27.63
N TYR B 215 41.81 85.91 -28.48
CA TYR B 215 42.36 86.09 -29.82
C TYR B 215 41.56 87.13 -30.60
N SER B 216 40.23 87.09 -30.48
CA SER B 216 39.38 88.05 -31.21
C SER B 216 39.71 89.48 -30.80
N GLU B 217 39.69 89.76 -29.49
CA GLU B 217 39.97 91.11 -29.03
C GLU B 217 41.38 91.55 -29.41
N GLU B 218 42.33 90.61 -29.43
CA GLU B 218 43.70 90.96 -29.81
C GLU B 218 43.76 91.40 -31.27
N LEU B 219 43.12 90.66 -32.17
CA LEU B 219 43.05 91.08 -33.57
C LEU B 219 42.42 92.46 -33.69
N ARG B 220 41.27 92.65 -33.04
CA ARG B 220 40.58 93.94 -33.08
C ARG B 220 41.51 95.08 -32.67
N GLU B 221 42.17 94.93 -31.51
CA GLU B 221 43.06 95.98 -31.03
C GLU B 221 44.23 96.21 -31.99
N THR B 222 44.72 95.15 -32.61
CA THR B 222 45.81 95.31 -33.58
C THR B 222 45.36 96.20 -34.74
N LYS B 223 44.21 95.87 -35.34
CA LYS B 223 43.73 96.67 -36.47
C LYS B 223 43.49 98.12 -36.07
N ARG B 224 42.80 98.34 -34.95
CA ARG B 224 42.56 99.71 -34.48
C ARG B 224 43.88 100.47 -34.32
N ARG B 225 44.85 99.85 -33.64
CA ARG B 225 46.13 100.52 -33.41
C ARG B 225 46.83 100.86 -34.72
N HIS B 226 46.75 99.97 -35.71
CA HIS B 226 47.37 100.29 -36.99
C HIS B 226 46.68 101.47 -37.66
N GLU B 227 45.36 101.56 -37.55
CA GLU B 227 44.65 102.71 -38.13
C GLU B 227 45.10 104.01 -37.49
N THR B 228 45.16 104.05 -36.15
CA THR B 228 45.65 105.25 -35.49
C THR B 228 47.08 105.58 -35.93
N ARG B 229 47.92 104.55 -36.07
CA ARG B 229 49.29 104.78 -36.55
C ARG B 229 49.28 105.40 -37.94
N LEU B 230 48.31 105.03 -38.78
CA LEU B 230 48.21 105.66 -40.09
C LEU B 230 47.84 107.14 -39.97
N VAL B 231 46.93 107.47 -39.04
CA VAL B 231 46.59 108.87 -38.81
C VAL B 231 47.85 109.68 -38.47
N GLU B 232 48.55 109.26 -37.42
CA GLU B 232 49.79 109.96 -37.07
C GLU B 232 50.81 109.90 -38.20
N ILE B 233 50.71 108.92 -39.10
CA ILE B 233 51.65 108.82 -40.21
C ILE B 233 51.39 109.92 -41.23
N ASP B 234 50.12 110.25 -41.51
CA ASP B 234 49.89 111.35 -42.44
C ASP B 234 50.23 112.70 -41.81
N ASN B 235 49.87 112.90 -40.54
CA ASN B 235 50.22 114.16 -39.89
C ASN B 235 51.74 114.36 -39.86
N GLY B 236 52.45 113.40 -39.26
CA GLY B 236 53.90 113.48 -39.24
C GLY B 236 54.52 113.51 -40.62
N LYS B 237 53.83 112.95 -41.62
CA LYS B 237 54.31 113.00 -43.00
C LYS B 237 54.40 114.43 -43.48
N GLN B 238 53.26 115.14 -43.46
CA GLN B 238 53.28 116.52 -43.94
C GLN B 238 54.20 117.39 -43.10
N ARG B 239 54.29 117.13 -41.79
CA ARG B 239 55.21 117.93 -40.99
C ARG B 239 56.66 117.51 -41.14
N GLU B 240 56.95 116.38 -41.80
CA GLU B 240 58.31 115.85 -41.81
C GLU B 240 59.00 115.91 -43.16
N PHE B 241 58.26 115.97 -44.27
CA PHE B 241 58.90 115.85 -45.58
C PHE B 241 59.85 117.01 -45.85
N GLU B 242 59.36 118.25 -45.71
CA GLU B 242 60.20 119.39 -46.04
C GLU B 242 61.32 119.59 -45.02
N SER B 243 61.07 119.24 -43.75
CA SER B 243 62.09 119.37 -42.71
C SER B 243 63.34 118.55 -43.01
N ARG B 244 63.26 117.60 -43.94
CA ARG B 244 64.41 116.87 -44.42
C ARG B 244 64.79 117.20 -45.85
N LEU B 245 63.83 117.62 -46.68
CA LEU B 245 64.15 118.06 -48.03
C LEU B 245 65.05 119.31 -48.00
N ALA B 246 64.69 120.29 -47.16
CA ALA B 246 65.56 121.46 -47.01
C ALA B 246 66.88 121.07 -46.39
N ASP B 247 66.88 120.09 -45.49
CA ASP B 247 68.12 119.59 -44.90
C ASP B 247 69.04 119.02 -45.98
N ALA B 248 68.46 118.42 -47.03
CA ALA B 248 69.28 117.88 -48.11
C ALA B 248 69.70 118.96 -49.10
N LEU B 249 68.85 119.95 -49.35
CA LEU B 249 69.20 121.01 -50.30
C LEU B 249 70.30 121.92 -49.74
N GLN B 250 70.22 122.25 -48.45
CA GLN B 250 71.21 123.12 -47.83
C GLN B 250 72.62 122.59 -48.01
N GLU B 251 72.80 121.27 -47.92
CA GLU B 251 74.09 120.65 -48.16
C GLU B 251 74.32 120.32 -49.63
N LEU B 252 73.26 120.26 -50.44
CA LEU B 252 73.44 120.06 -51.88
C LEU B 252 74.05 121.29 -52.54
N ARG B 253 73.73 122.48 -52.03
CA ARG B 253 74.30 123.71 -52.60
C ARG B 253 75.81 123.79 -52.40
N ALA B 254 76.36 123.06 -51.42
CA ALA B 254 77.76 123.17 -51.05
C ALA B 254 78.68 122.46 -52.05
N GLN B 255 78.79 121.14 -51.93
CA GLN B 255 79.73 120.36 -52.74
C GLN B 255 79.44 120.50 -54.24
N THR C 31 13.27 115.93 -101.34
CA THR C 31 14.52 116.07 -100.60
C THR C 31 14.31 117.06 -99.45
N ARG C 32 13.19 117.77 -99.48
CA ARG C 32 12.88 118.73 -98.42
C ARG C 32 12.43 118.01 -97.15
N LEU C 33 11.29 117.31 -97.23
CA LEU C 33 10.86 116.47 -96.11
C LEU C 33 11.90 115.42 -95.77
N GLN C 34 12.61 114.90 -96.78
CA GLN C 34 13.68 113.95 -96.51
C GLN C 34 14.79 114.58 -95.68
N GLU C 35 15.10 115.85 -95.95
CA GLU C 35 16.09 116.56 -95.15
C GLU C 35 15.61 116.76 -93.72
N LYS C 36 14.33 117.11 -93.56
CA LYS C 36 13.77 117.26 -92.21
C LYS C 36 13.85 115.95 -91.44
N GLU C 37 13.48 114.84 -92.09
CA GLU C 37 13.49 113.55 -91.42
C GLU C 37 14.91 113.11 -91.07
N ASP C 38 15.88 113.40 -91.95
CA ASP C 38 17.26 113.06 -91.64
C ASP C 38 17.79 113.90 -90.46
N LEU C 39 17.38 115.17 -90.39
CA LEU C 39 17.72 115.97 -89.23
C LEU C 39 17.13 115.38 -87.95
N GLN C 40 15.86 114.96 -88.02
CA GLN C 40 15.22 114.36 -86.85
C GLN C 40 15.92 113.08 -86.42
N GLU C 41 16.27 112.21 -87.37
CA GLU C 41 16.99 111.00 -87.04
C GLU C 41 18.35 111.31 -86.42
N LEU C 42 19.03 112.34 -86.96
CA LEU C 42 20.29 112.78 -86.36
C LEU C 42 20.08 113.16 -84.89
N ASN C 43 19.03 113.93 -84.60
CA ASN C 43 18.76 114.27 -83.21
C ASN C 43 18.46 113.04 -82.37
N ASP C 44 17.79 112.03 -82.95
CA ASP C 44 17.48 110.82 -82.19
C ASP C 44 18.74 110.06 -81.82
N ARG C 45 19.62 109.81 -82.80
CA ARG C 45 20.92 109.21 -82.49
C ARG C 45 21.65 110.01 -81.42
N LEU C 46 21.66 111.34 -81.56
CA LEU C 46 22.31 112.19 -80.57
C LEU C 46 21.77 111.92 -79.18
N ALA C 47 20.44 111.84 -79.05
CA ALA C 47 19.85 111.57 -77.73
C ALA C 47 20.26 110.20 -77.20
N VAL C 48 20.32 109.20 -78.08
CA VAL C 48 20.77 107.87 -77.65
C VAL C 48 22.16 107.94 -77.04
N TYR C 49 23.11 108.54 -77.77
CA TYR C 49 24.48 108.60 -77.28
C TYR C 49 24.60 109.49 -76.04
N ILE C 50 23.77 110.53 -75.93
CA ILE C 50 23.77 111.36 -74.73
C ILE C 50 23.38 110.51 -73.52
N ASP C 51 22.28 109.77 -73.62
CA ASP C 51 21.90 108.88 -72.54
C ASP C 51 23.04 107.93 -72.19
N ARG C 52 23.74 107.41 -73.20
CA ARG C 52 24.82 106.47 -72.92
C ARG C 52 25.98 107.14 -72.21
N VAL C 53 26.32 108.39 -72.56
CA VAL C 53 27.45 109.03 -71.88
C VAL C 53 27.06 109.39 -70.45
N ARG C 54 25.79 109.76 -70.21
CA ARG C 54 25.35 109.97 -68.83
C ARG C 54 25.54 108.70 -68.01
N SER C 55 24.97 107.58 -68.47
CA SER C 55 25.09 106.33 -67.74
C SER C 55 26.55 105.94 -67.54
N LEU C 56 27.39 106.18 -68.55
CA LEU C 56 28.79 105.78 -68.45
C LEU C 56 29.54 106.64 -67.43
N GLU C 57 29.22 107.93 -67.36
CA GLU C 57 29.83 108.78 -66.34
C GLU C 57 29.40 108.35 -64.94
N THR C 58 28.12 108.00 -64.78
CA THR C 58 27.67 107.45 -63.49
C THR C 58 28.46 106.19 -63.14
N GLU C 59 28.62 105.29 -64.11
CA GLU C 59 29.38 104.05 -63.88
C GLU C 59 30.82 104.34 -63.48
N ASN C 60 31.45 105.32 -64.14
CA ASN C 60 32.82 105.68 -63.80
C ASN C 60 32.91 106.23 -62.38
N ALA C 61 31.97 107.09 -61.99
CA ALA C 61 31.95 107.58 -60.62
C ALA C 61 31.80 106.43 -59.63
N GLY C 62 30.93 105.46 -59.94
CA GLY C 62 30.76 104.32 -59.05
C GLY C 62 32.02 103.49 -58.91
N LEU C 63 32.70 103.22 -60.02
CA LEU C 63 33.95 102.46 -59.95
C LEU C 63 35.00 103.20 -59.13
N ARG C 64 35.15 104.52 -59.36
CA ARG C 64 36.10 105.29 -58.58
C ARG C 64 35.73 105.31 -57.10
N LEU C 65 34.44 105.22 -56.78
CA LEU C 65 34.03 105.13 -55.38
C LEU C 65 34.41 103.77 -54.80
N ARG C 66 34.26 102.70 -55.58
CA ARG C 66 34.62 101.37 -55.09
C ARG C 66 36.12 101.23 -54.89
N ILE C 67 36.92 101.91 -55.71
CA ILE C 67 38.38 101.78 -55.62
C ILE C 67 38.93 102.27 -54.29
N THR C 68 38.17 103.11 -53.57
CA THR C 68 38.58 103.58 -52.26
C THR C 68 38.13 102.63 -51.14
N GLU C 69 36.92 102.09 -51.26
CA GLU C 69 36.41 101.13 -50.28
C GLU C 69 36.88 99.70 -50.54
N SER C 70 37.78 99.49 -51.50
CA SER C 70 38.37 98.16 -51.68
C SER C 70 38.96 97.63 -50.38
N GLU C 71 39.65 98.50 -49.64
CA GLU C 71 40.30 98.11 -48.38
C GLU C 71 39.30 97.61 -47.34
N GLU C 72 38.01 97.87 -47.51
CA GLU C 72 36.99 97.43 -46.59
C GLU C 72 36.13 96.30 -47.12
N VAL C 73 35.74 96.36 -48.40
CA VAL C 73 35.03 95.23 -49.00
C VAL C 73 35.90 93.97 -48.99
N VAL C 74 37.22 94.13 -49.04
CA VAL C 74 38.12 93.00 -48.84
C VAL C 74 37.91 92.41 -47.45
N SER C 75 37.86 93.28 -46.44
CA SER C 75 37.64 92.84 -45.07
C SER C 75 36.33 92.07 -44.95
N ARG C 76 35.27 92.56 -45.60
CA ARG C 76 34.01 91.80 -45.57
C ARG C 76 34.14 90.47 -46.29
N GLU C 77 34.93 90.43 -47.37
CA GLU C 77 35.13 89.18 -48.11
C GLU C 77 35.77 88.12 -47.22
N VAL C 78 36.95 88.43 -46.66
CA VAL C 78 37.65 87.45 -45.85
C VAL C 78 36.86 87.12 -44.58
N SER C 79 36.20 88.12 -44.00
CA SER C 79 35.36 87.87 -42.83
C SER C 79 34.12 87.05 -43.18
N GLY C 80 33.77 86.94 -44.45
CA GLY C 80 32.68 86.07 -44.87
C GLY C 80 33.15 84.64 -45.08
N ILE C 81 34.23 84.45 -45.85
CA ILE C 81 34.73 83.10 -46.06
C ILE C 81 35.15 82.48 -44.74
N LYS C 82 35.65 83.29 -43.81
CA LYS C 82 35.97 82.76 -42.47
C LYS C 82 34.74 82.15 -41.82
N ALA C 83 33.62 82.89 -41.81
CA ALA C 83 32.40 82.38 -41.19
C ALA C 83 31.90 81.13 -41.90
N ALA C 84 32.00 81.10 -43.24
CA ALA C 84 31.59 79.91 -43.99
C ALA C 84 32.37 78.68 -43.54
N TYR C 85 33.71 78.76 -43.61
CA TYR C 85 34.53 77.62 -43.21
C TYR C 85 34.32 77.26 -41.74
N GLU C 86 34.09 78.25 -40.88
CA GLU C 86 33.89 77.98 -39.46
C GLU C 86 32.62 77.18 -39.24
N ALA C 87 31.51 77.58 -39.88
CA ALA C 87 30.28 76.81 -39.75
C ALA C 87 30.44 75.41 -40.33
N GLU C 88 31.20 75.28 -41.43
CA GLU C 88 31.47 73.96 -41.99
C GLU C 88 32.17 73.06 -40.97
N LEU C 89 33.23 73.58 -40.34
CA LEU C 89 33.93 72.80 -39.33
C LEU C 89 33.01 72.47 -38.16
N GLY C 90 32.14 73.42 -37.78
CA GLY C 90 31.22 73.15 -36.69
C GLY C 90 30.31 71.96 -36.97
N ASP C 91 29.65 71.97 -38.13
CA ASP C 91 28.79 70.85 -38.49
C ASP C 91 29.58 69.55 -38.60
N ALA C 92 30.81 69.62 -39.11
CA ALA C 92 31.65 68.42 -39.20
C ALA C 92 31.92 67.83 -37.82
N ARG C 93 32.26 68.69 -36.85
CA ARG C 93 32.50 68.21 -35.49
C ARG C 93 31.23 67.66 -34.86
N LYS C 94 30.08 68.28 -35.15
CA LYS C 94 28.82 67.75 -34.66
C LYS C 94 28.58 66.33 -35.14
N THR C 95 28.75 66.09 -36.46
CA THR C 95 28.53 64.75 -36.98
C THR C 95 29.55 63.76 -36.40
N LEU C 96 30.79 64.22 -36.18
CA LEU C 96 31.78 63.34 -35.58
C LEU C 96 31.35 62.90 -34.18
N ASP C 97 30.91 63.86 -33.35
CA ASP C 97 30.46 63.53 -32.01
C ASP C 97 29.29 62.57 -32.04
N SER C 98 28.24 62.91 -32.81
CA SER C 98 27.07 62.04 -32.85
C SER C 98 27.43 60.63 -33.31
N VAL C 99 28.29 60.52 -34.33
CA VAL C 99 28.67 59.22 -34.84
C VAL C 99 29.45 58.43 -33.80
N ALA C 100 30.37 59.09 -33.09
CA ALA C 100 31.07 58.41 -32.00
C ALA C 100 30.12 57.90 -30.94
N LYS C 101 29.12 58.71 -30.58
CA LYS C 101 28.12 58.27 -29.61
C LYS C 101 27.38 57.04 -30.12
N GLU C 102 26.93 57.06 -31.37
CA GLU C 102 26.18 55.92 -31.90
C GLU C 102 27.06 54.68 -32.06
N ARG C 103 28.38 54.84 -32.16
CA ARG C 103 29.25 53.67 -32.15
C ARG C 103 29.44 53.11 -30.76
N ALA C 104 29.65 53.97 -29.77
CA ALA C 104 29.77 53.49 -28.40
C ALA C 104 28.50 52.79 -27.94
N ARG C 105 27.34 53.31 -28.35
CA ARG C 105 26.07 52.64 -28.02
C ARG C 105 26.06 51.21 -28.53
N LEU C 106 26.50 51.01 -29.78
CA LEU C 106 26.51 49.66 -30.34
C LEU C 106 27.55 48.77 -29.70
N GLN C 107 28.67 49.35 -29.24
CA GLN C 107 29.63 48.58 -28.45
C GLN C 107 28.98 48.06 -27.16
N LEU C 108 28.23 48.94 -26.48
CA LEU C 108 27.54 48.53 -25.26
C LEU C 108 26.49 47.47 -25.54
N GLU C 109 25.71 47.63 -26.61
CA GLU C 109 24.73 46.62 -26.97
C GLU C 109 25.40 45.29 -27.29
N LEU C 110 26.53 45.32 -28.01
CA LEU C 110 27.22 44.09 -28.35
C LEU C 110 27.70 43.36 -27.12
N SER C 111 28.32 44.09 -26.18
CA SER C 111 28.74 43.45 -24.93
C SER C 111 27.55 42.88 -24.17
N LYS C 112 26.44 43.63 -24.12
CA LYS C 112 25.26 43.18 -23.40
C LYS C 112 24.72 41.88 -23.98
N VAL C 113 24.53 41.83 -25.29
CA VAL C 113 24.00 40.62 -25.93
C VAL C 113 24.98 39.47 -25.79
N ARG C 114 26.29 39.74 -25.92
CA ARG C 114 27.27 38.67 -25.75
C ARG C 114 27.34 38.18 -24.31
N GLU C 115 26.85 38.96 -23.34
CA GLU C 115 26.75 38.47 -21.96
C GLU C 115 25.48 37.65 -21.77
N GLU C 116 24.35 38.16 -22.27
CA GLU C 116 23.08 37.44 -22.16
C GLU C 116 23.14 36.09 -22.87
N PHE C 117 23.87 36.00 -23.97
CA PHE C 117 24.05 34.72 -24.64
C PHE C 117 24.79 33.74 -23.74
N LYS C 118 25.82 34.22 -23.05
CA LYS C 118 26.55 33.36 -22.11
C LYS C 118 25.62 32.85 -21.02
N GLU C 119 24.89 33.75 -20.37
CA GLU C 119 23.96 33.33 -19.32
C GLU C 119 22.95 32.31 -19.84
N LEU C 120 22.36 32.59 -21.01
CA LEU C 120 21.37 31.68 -21.57
C LEU C 120 21.95 30.31 -21.87
N LYS C 121 23.19 30.27 -22.38
CA LYS C 121 23.78 28.98 -22.70
C LYS C 121 24.15 28.21 -21.45
N ALA C 122 24.47 28.91 -20.36
CA ALA C 122 24.69 28.24 -19.09
C ALA C 122 23.39 27.61 -18.59
N ARG C 123 22.32 28.41 -18.53
CA ARG C 123 21.02 27.91 -18.12
C ARG C 123 20.59 26.71 -18.98
N ASN C 124 20.81 26.81 -20.29
CA ASN C 124 20.40 25.72 -21.18
C ASN C 124 21.26 24.48 -21.00
N THR C 125 22.54 24.66 -20.65
CA THR C 125 23.36 23.50 -20.32
C THR C 125 22.82 22.76 -19.11
N LYS C 126 22.55 23.51 -18.02
CA LYS C 126 21.97 22.90 -16.83
C LYS C 126 20.66 22.16 -17.17
N LYS C 127 19.76 22.85 -17.88
CA LYS C 127 18.47 22.25 -18.21
C LYS C 127 18.64 21.00 -19.08
N GLU C 128 19.59 21.02 -20.00
CA GLU C 128 19.80 19.84 -20.85
C GLU C 128 20.47 18.71 -20.10
N GLY C 129 21.11 18.97 -18.96
CA GLY C 129 21.52 17.87 -18.10
C GLY C 129 20.35 17.29 -17.34
N ASP C 130 19.57 18.19 -16.74
CA ASP C 130 18.41 17.77 -15.96
C ASP C 130 17.41 16.97 -16.80
N LEU C 131 17.28 17.29 -18.09
CA LEU C 131 16.38 16.53 -18.94
C LEU C 131 16.89 15.11 -19.13
N ILE C 132 18.20 14.93 -19.28
CA ILE C 132 18.77 13.59 -19.40
C ILE C 132 18.47 12.78 -18.15
N ALA C 133 18.74 13.36 -16.98
CA ALA C 133 18.41 12.65 -15.74
C ALA C 133 16.92 12.29 -15.69
N ALA C 134 16.05 13.23 -16.06
CA ALA C 134 14.61 12.99 -16.00
C ALA C 134 14.20 11.84 -16.91
N GLN C 135 14.77 11.79 -18.12
CA GLN C 135 14.44 10.69 -19.03
C GLN C 135 14.94 9.36 -18.48
N ALA C 136 16.11 9.36 -17.85
CA ALA C 136 16.61 8.14 -17.22
C ALA C 136 15.62 7.61 -16.18
N ARG C 137 15.30 8.44 -15.17
CA ARG C 137 14.37 8.00 -14.15
C ARG C 137 13.00 7.68 -14.73
N LEU C 138 12.65 8.29 -15.88
CA LEU C 138 11.39 7.99 -16.53
C LEU C 138 11.37 6.57 -17.08
N LYS C 139 12.41 6.21 -17.84
CA LYS C 139 12.51 4.84 -18.36
C LYS C 139 12.48 3.83 -17.22
N ASP C 140 13.29 4.07 -16.18
CA ASP C 140 13.33 3.13 -15.06
C ASP C 140 11.95 2.98 -14.41
N LEU C 141 11.27 4.11 -14.17
CA LEU C 141 9.98 4.04 -13.46
C LEU C 141 8.91 3.37 -14.31
N GLU C 142 8.90 3.62 -15.62
CA GLU C 142 7.93 2.92 -16.47
C GLU C 142 8.19 1.41 -16.46
N ALA C 143 9.46 1.00 -16.54
CA ALA C 143 9.79 -0.42 -16.41
C ALA C 143 9.22 -0.99 -15.11
N LEU C 144 9.49 -0.31 -13.99
CA LEU C 144 8.98 -0.79 -12.69
C LEU C 144 7.46 -0.89 -12.70
N LEU C 145 6.78 0.09 -13.29
CA LEU C 145 5.32 0.07 -13.32
C LEU C 145 4.80 -1.14 -14.09
N ASN C 146 5.42 -1.44 -15.23
CA ASN C 146 4.98 -2.62 -15.97
C ASN C 146 5.24 -3.90 -15.18
N SER C 147 6.40 -4.00 -14.52
CA SER C 147 6.66 -5.15 -13.66
C SER C 147 5.56 -5.33 -12.62
N LYS C 148 5.15 -4.24 -11.98
CA LYS C 148 4.07 -4.32 -10.99
C LYS C 148 2.78 -4.80 -11.64
N GLU C 149 2.39 -4.17 -12.75
CA GLU C 149 1.16 -4.58 -13.41
C GLU C 149 1.18 -6.03 -13.87
N ALA C 150 2.37 -6.63 -14.00
CA ALA C 150 2.46 -8.06 -14.28
C ALA C 150 2.28 -8.88 -13.00
N ALA C 151 3.02 -8.53 -11.94
CA ALA C 151 2.89 -9.27 -10.68
C ALA C 151 1.47 -9.25 -10.15
N LEU C 152 0.73 -8.17 -10.43
CA LEU C 152 -0.66 -8.09 -9.97
C LEU C 152 -1.51 -9.17 -10.64
N SER C 153 -1.40 -9.30 -11.97
CA SER C 153 -2.17 -10.32 -12.67
C SER C 153 -1.74 -11.72 -12.23
N THR C 154 -0.44 -11.92 -12.00
CA THR C 154 0.02 -13.20 -11.47
C THR C 154 -0.70 -13.54 -10.16
N ALA C 155 -0.64 -12.62 -9.18
CA ALA C 155 -1.27 -12.87 -7.89
C ALA C 155 -2.77 -13.09 -8.04
N LEU C 156 -3.42 -12.32 -8.91
CA LEU C 156 -4.86 -12.46 -9.08
C LEU C 156 -5.23 -13.81 -9.68
N SER C 157 -4.40 -14.36 -10.56
CA SER C 157 -4.66 -15.72 -11.04
C SER C 157 -4.45 -16.74 -9.94
N GLU C 158 -3.37 -16.58 -9.16
CA GLU C 158 -3.14 -17.47 -8.02
C GLU C 158 -4.33 -17.48 -7.07
N LYS C 159 -5.00 -16.33 -6.92
CA LYS C 159 -6.18 -16.27 -6.06
C LYS C 159 -7.25 -17.26 -6.52
N ARG C 160 -7.56 -17.27 -7.81
CA ARG C 160 -8.59 -18.16 -8.33
C ARG C 160 -8.16 -19.62 -8.22
N THR C 161 -6.92 -19.93 -8.67
CA THR C 161 -6.44 -21.30 -8.58
C THR C 161 -6.30 -21.77 -7.13
N LEU C 162 -6.35 -20.86 -6.16
CA LEU C 162 -6.42 -21.27 -4.77
C LEU C 162 -7.85 -21.44 -4.29
N GLU C 163 -8.77 -20.60 -4.76
CA GLU C 163 -10.18 -20.76 -4.40
C GLU C 163 -10.70 -22.13 -4.82
N GLY C 164 -10.38 -22.54 -6.05
CA GLY C 164 -10.78 -23.87 -6.48
C GLY C 164 -10.21 -24.96 -5.59
N GLU C 165 -8.92 -24.86 -5.27
CA GLU C 165 -8.27 -25.84 -4.41
C GLU C 165 -8.98 -25.97 -3.07
N LEU C 166 -9.20 -24.85 -2.38
CA LEU C 166 -9.82 -24.94 -1.07
C LEU C 166 -11.26 -25.42 -1.16
N HIS C 167 -11.95 -25.15 -2.29
CA HIS C 167 -13.26 -25.76 -2.49
C HIS C 167 -13.15 -27.28 -2.50
N ASP C 168 -12.21 -27.81 -3.29
CA ASP C 168 -12.00 -29.26 -3.31
C ASP C 168 -11.70 -29.81 -1.93
N LEU C 169 -10.87 -29.08 -1.15
CA LEU C 169 -10.54 -29.57 0.19
C LEU C 169 -11.76 -29.55 1.10
N ARG C 170 -12.61 -28.53 0.97
CA ARG C 170 -13.88 -28.54 1.70
C ARG C 170 -14.68 -29.79 1.37
N GLY C 171 -14.75 -30.14 0.07
CA GLY C 171 -15.44 -31.37 -0.29
C GLY C 171 -14.84 -32.59 0.39
N GLN C 172 -13.51 -32.72 0.36
CA GLN C 172 -12.85 -33.86 0.98
C GLN C 172 -13.20 -33.96 2.46
N VAL C 173 -13.02 -32.86 3.20
CA VAL C 173 -13.34 -32.86 4.63
C VAL C 173 -14.81 -33.22 4.84
N ALA C 174 -15.70 -32.69 4.01
CA ALA C 174 -17.12 -32.98 4.15
C ALA C 174 -17.41 -34.46 4.00
N LYS C 175 -16.70 -35.14 3.09
CA LYS C 175 -16.90 -36.58 2.93
C LYS C 175 -16.31 -37.35 4.11
N LEU C 176 -15.07 -37.02 4.49
CA LEU C 176 -14.41 -37.76 5.57
C LEU C 176 -15.17 -37.65 6.88
N GLU C 177 -15.81 -36.51 7.15
CA GLU C 177 -16.59 -36.39 8.37
C GLU C 177 -17.76 -37.37 8.38
N ALA C 178 -18.43 -37.53 7.23
CA ALA C 178 -19.52 -38.51 7.13
C ALA C 178 -19.00 -39.93 7.31
N ALA C 179 -17.84 -40.23 6.72
CA ALA C 179 -17.24 -41.55 6.89
C ALA C 179 -16.97 -41.83 8.37
N LEU C 180 -16.34 -40.89 9.07
CA LEU C 180 -16.05 -41.08 10.48
C LEU C 180 -17.33 -41.25 11.29
N GLY C 181 -18.36 -40.47 10.96
CA GLY C 181 -19.63 -40.61 11.67
C GLY C 181 -20.22 -42.00 11.52
N GLU C 182 -20.27 -42.50 10.28
CA GLU C 182 -20.79 -43.85 10.05
C GLU C 182 -19.95 -44.89 10.80
N ALA C 183 -18.63 -44.77 10.74
CA ALA C 183 -17.76 -45.72 11.45
C ALA C 183 -18.08 -45.73 12.95
N LYS C 184 -18.21 -44.55 13.55
CA LYS C 184 -18.52 -44.50 14.99
C LYS C 184 -19.89 -45.11 15.28
N LYS C 185 -20.86 -44.91 14.37
CA LYS C 185 -22.17 -45.52 14.58
C LYS C 185 -22.08 -47.05 14.58
N GLN C 186 -21.39 -47.61 13.59
CA GLN C 186 -21.25 -49.06 13.52
C GLN C 186 -20.52 -49.59 14.74
N LEU C 187 -19.48 -48.89 15.20
CA LEU C 187 -18.80 -49.29 16.43
C LEU C 187 -19.77 -49.31 17.62
N GLN C 188 -20.60 -48.27 17.75
CA GLN C 188 -21.61 -48.26 18.80
C GLN C 188 -22.53 -49.47 18.71
N ASP C 189 -22.97 -49.82 17.50
CA ASP C 189 -23.89 -50.95 17.35
C ASP C 189 -23.22 -52.27 17.73
N GLU C 190 -22.00 -52.50 17.24
CA GLU C 190 -21.29 -53.73 17.61
C GLU C 190 -21.10 -53.83 19.11
N MSE C 191 -20.72 -52.72 19.75
CA MSE C 191 -20.61 -52.69 21.20
C MSE C 191 -21.93 -53.09 21.88
O MSE C 191 -21.93 -53.93 22.80
CB MSE C 191 -20.20 -51.29 21.67
CG MSE C 191 -18.69 -51.11 21.77
SE MSE C 191 -18.13 -49.41 22.52
CE MSE C 191 -16.34 -49.94 23.10
N LEU C 192 -23.03 -52.52 21.40
CA LEU C 192 -24.33 -52.79 22.00
C LEU C 192 -24.69 -54.26 21.91
N ARG C 193 -24.59 -54.85 20.71
CA ARG C 193 -25.00 -56.25 20.57
C ARG C 193 -24.04 -57.19 21.31
N ARG C 194 -22.76 -56.82 21.42
CA ARG C 194 -21.83 -57.60 22.23
C ARG C 194 -22.24 -57.61 23.69
N VAL C 195 -22.51 -56.41 24.24
CA VAL C 195 -22.95 -56.32 25.63
C VAL C 195 -24.24 -57.12 25.85
N ASP C 196 -25.18 -57.01 24.91
CA ASP C 196 -26.42 -57.81 25.01
C ASP C 196 -26.10 -59.30 25.07
N ALA C 197 -25.19 -59.75 24.21
CA ALA C 197 -24.79 -61.16 24.24
C ALA C 197 -24.25 -61.55 25.61
N GLU C 198 -23.42 -60.70 26.22
CA GLU C 198 -22.85 -61.04 27.52
C GLU C 198 -23.94 -61.08 28.60
N ASN C 199 -24.88 -60.13 28.56
CA ASN C 199 -26.00 -60.16 29.49
C ASN C 199 -26.76 -61.48 29.40
N ARG C 200 -27.17 -61.86 28.19
CA ARG C 200 -27.87 -63.12 28.02
C ARG C 200 -27.04 -64.30 28.47
N LEU C 201 -25.71 -64.21 28.30
CA LEU C 201 -24.83 -65.29 28.74
C LEU C 201 -24.90 -65.46 30.26
N GLN C 202 -24.74 -64.37 31.01
CA GLN C 202 -24.89 -64.46 32.46
C GLN C 202 -26.27 -64.99 32.85
N THR C 203 -27.31 -64.53 32.14
CA THR C 203 -28.67 -65.02 32.39
C THR C 203 -28.74 -66.54 32.28
N MSE C 204 -28.20 -67.09 31.20
CA MSE C 204 -28.25 -68.52 30.99
C MSE C 204 -27.38 -69.28 31.99
O MSE C 204 -27.69 -70.42 32.33
CB MSE C 204 -27.84 -68.87 29.56
CG MSE C 204 -28.81 -68.33 28.54
SE MSE C 204 -28.84 -69.41 26.93
CE MSE C 204 -26.99 -69.21 26.45
N LYS C 205 -26.30 -68.66 32.45
CA LYS C 205 -25.51 -69.28 33.52
C LYS C 205 -26.32 -69.42 34.80
N GLU C 206 -27.00 -68.34 35.20
CA GLU C 206 -27.84 -68.40 36.38
C GLU C 206 -28.96 -69.42 36.20
N GLU C 207 -29.52 -69.51 35.00
CA GLU C 207 -30.54 -70.53 34.74
C GLU C 207 -29.96 -71.93 34.88
N LEU C 208 -28.73 -72.14 34.40
CA LEU C 208 -28.07 -73.42 34.51
C LEU C 208 -27.93 -73.84 35.97
N ASP C 209 -27.34 -72.97 36.80
CA ASP C 209 -27.21 -73.28 38.21
C ASP C 209 -28.57 -73.53 38.85
N PHE C 210 -29.58 -72.78 38.44
CA PHE C 210 -30.93 -72.96 39.00
C PHE C 210 -31.46 -74.35 38.69
N GLN C 211 -31.39 -74.78 37.43
CA GLN C 211 -31.88 -76.12 37.10
C GLN C 211 -31.08 -77.21 37.80
N LYS C 212 -29.78 -76.97 38.02
CA LYS C 212 -29.01 -77.91 38.82
C LYS C 212 -29.60 -78.05 40.22
N ASN C 213 -29.77 -76.92 40.91
CA ASN C 213 -30.31 -76.96 42.27
C ASN C 213 -31.76 -77.42 42.32
N ILE C 214 -32.47 -77.43 41.19
CA ILE C 214 -33.81 -78.02 41.17
C ILE C 214 -33.73 -79.53 41.03
N TYR C 215 -32.88 -80.01 40.11
CA TYR C 215 -32.70 -81.45 39.96
C TYR C 215 -32.26 -82.09 41.27
N SER C 216 -31.37 -81.42 42.01
CA SER C 216 -30.92 -81.95 43.30
C SER C 216 -32.11 -82.22 44.22
N GLU C 217 -32.97 -81.22 44.42
CA GLU C 217 -34.10 -81.37 45.33
C GLU C 217 -35.11 -82.38 44.82
N GLU C 218 -35.27 -82.48 43.50
CA GLU C 218 -36.23 -83.44 42.94
C GLU C 218 -35.75 -84.88 43.17
N LEU C 219 -34.47 -85.14 42.85
CA LEU C 219 -33.90 -86.46 43.12
C LEU C 219 -34.00 -86.80 44.61
N ARG C 220 -33.63 -85.85 45.47
CA ARG C 220 -33.76 -86.07 46.91
C ARG C 220 -35.17 -86.47 47.28
N GLU C 221 -36.17 -85.75 46.75
CA GLU C 221 -37.56 -86.02 47.11
C GLU C 221 -38.08 -87.31 46.53
N THR C 222 -37.51 -87.83 45.44
CA THR C 222 -37.95 -89.13 44.96
C THR C 222 -37.32 -90.27 45.77
N LYS C 223 -36.00 -90.19 45.98
CA LYS C 223 -35.33 -91.21 46.79
C LYS C 223 -35.91 -91.28 48.19
N ARG C 224 -36.36 -90.14 48.73
CA ARG C 224 -37.01 -90.15 50.04
C ARG C 224 -38.25 -91.02 50.03
N ARG C 225 -39.13 -90.82 49.05
CA ARG C 225 -40.33 -91.64 48.96
C ARG C 225 -39.99 -93.11 48.80
N HIS C 226 -39.06 -93.42 47.89
CA HIS C 226 -38.73 -94.82 47.66
C HIS C 226 -38.21 -95.47 48.93
N GLU C 227 -37.36 -94.76 49.68
CA GLU C 227 -36.84 -95.32 50.92
C GLU C 227 -37.93 -95.47 51.98
N THR C 228 -38.91 -94.57 52.01
CA THR C 228 -40.02 -94.77 52.95
C THR C 228 -40.81 -96.03 52.61
N ARG C 229 -41.01 -96.32 51.32
CA ARG C 229 -41.71 -97.55 50.97
C ARG C 229 -40.87 -98.77 51.31
N LEU C 230 -39.56 -98.69 51.08
CA LEU C 230 -38.69 -99.82 51.40
C LEU C 230 -38.67 -100.11 52.90
N VAL C 231 -38.64 -99.07 53.73
CA VAL C 231 -38.68 -99.31 55.17
C VAL C 231 -40.07 -99.72 55.61
N GLU C 232 -41.11 -99.37 54.86
CA GLU C 232 -42.43 -99.93 55.13
C GLU C 232 -42.40 -101.44 54.97
N ILE C 233 -41.90 -101.92 53.83
CA ILE C 233 -41.83 -103.35 53.59
C ILE C 233 -40.97 -104.04 54.64
N ASP C 234 -39.76 -103.52 54.86
CA ASP C 234 -38.83 -104.13 55.81
C ASP C 234 -39.38 -104.13 57.23
N ASN C 235 -40.11 -103.08 57.62
CA ASN C 235 -40.69 -103.07 58.96
C ASN C 235 -41.83 -104.08 59.06
N GLY C 236 -42.61 -104.26 58.00
CA GLY C 236 -43.56 -105.35 58.00
C GLY C 236 -42.90 -106.69 58.24
N LYS C 237 -41.85 -106.98 57.45
CA LYS C 237 -41.08 -108.22 57.63
C LYS C 237 -40.60 -108.35 59.07
N GLN C 238 -40.03 -107.28 59.62
CA GLN C 238 -39.48 -107.33 60.96
C GLN C 238 -40.56 -107.68 61.99
N ARG C 239 -41.64 -106.90 62.01
CA ARG C 239 -42.71 -107.12 62.97
C ARG C 239 -43.24 -108.55 62.90
N GLU C 240 -43.50 -109.04 61.68
CA GLU C 240 -43.97 -110.41 61.55
C GLU C 240 -42.95 -111.39 62.10
N PHE C 241 -41.67 -111.20 61.76
CA PHE C 241 -40.61 -112.11 62.18
C PHE C 241 -40.50 -112.18 63.70
N GLU C 242 -40.28 -111.03 64.34
CA GLU C 242 -40.07 -111.01 65.79
C GLU C 242 -41.33 -111.41 66.55
N SER C 243 -42.52 -111.17 65.98
CA SER C 243 -43.75 -111.62 66.63
C SER C 243 -43.86 -113.13 66.60
N ARG C 244 -43.84 -113.71 65.39
CA ARG C 244 -44.00 -115.15 65.26
C ARG C 244 -42.85 -115.94 65.87
N LEU C 245 -41.70 -115.31 66.08
CA LEU C 245 -40.62 -115.97 66.80
C LEU C 245 -40.76 -115.82 68.30
N ALA C 246 -41.23 -114.66 68.76
CA ALA C 246 -41.42 -114.44 70.20
C ALA C 246 -42.49 -115.37 70.75
N ASP C 247 -43.57 -115.58 70.00
CA ASP C 247 -44.62 -116.49 70.47
C ASP C 247 -44.09 -117.92 70.59
N ALA C 248 -43.33 -118.37 69.58
CA ALA C 248 -42.79 -119.72 69.62
C ALA C 248 -41.80 -119.91 70.75
N LEU C 249 -40.94 -118.90 70.99
CA LEU C 249 -39.96 -119.01 72.08
C LEU C 249 -40.65 -119.00 73.43
N GLN C 250 -41.69 -118.17 73.60
CA GLN C 250 -42.43 -118.14 74.84
C GLN C 250 -43.12 -119.47 75.12
N GLU C 251 -43.75 -120.05 74.08
CA GLU C 251 -44.36 -121.36 74.24
C GLU C 251 -43.32 -122.42 74.61
N LEU C 252 -42.14 -122.36 73.98
CA LEU C 252 -41.09 -123.32 74.28
C LEU C 252 -40.65 -123.23 75.73
N ARG C 253 -40.35 -122.02 76.20
CA ARG C 253 -39.90 -121.87 77.58
C ARG C 253 -40.98 -122.26 78.57
N ALA C 254 -42.24 -121.94 78.27
CA ALA C 254 -43.34 -122.38 79.12
C ALA C 254 -43.40 -123.90 79.20
N GLN C 255 -43.22 -124.58 78.07
CA GLN C 255 -43.22 -126.04 78.08
C GLN C 255 -42.05 -126.57 78.91
N HIS C 256 -40.89 -125.94 78.84
CA HIS C 256 -39.76 -126.36 79.66
C HIS C 256 -40.09 -126.23 81.15
N GLU C 257 -40.63 -125.07 81.55
CA GLU C 257 -40.97 -124.88 82.96
C GLU C 257 -41.99 -125.91 83.43
N ASP C 258 -42.97 -126.24 82.58
CA ASP C 258 -43.95 -127.27 82.93
C ASP C 258 -43.27 -128.62 83.12
N GLN C 259 -42.35 -128.97 82.21
CA GLN C 259 -41.65 -130.25 82.33
C GLN C 259 -40.87 -130.32 83.63
N VAL C 260 -40.16 -129.23 83.99
CA VAL C 260 -39.40 -129.22 85.23
C VAL C 260 -40.33 -129.34 86.43
N GLU C 261 -41.46 -128.64 86.40
CA GLU C 261 -42.42 -128.72 87.50
C GLU C 261 -42.90 -130.15 87.70
N GLN C 262 -43.29 -130.82 86.61
CA GLN C 262 -43.78 -132.19 86.73
C GLN C 262 -42.67 -133.13 87.20
N TYR C 263 -41.44 -132.91 86.74
CA TYR C 263 -40.32 -133.70 87.24
C TYR C 263 -40.16 -133.54 88.75
N LYS C 264 -40.22 -132.30 89.24
CA LYS C 264 -40.07 -132.08 90.68
C LYS C 264 -41.21 -132.71 91.47
N LYS C 265 -42.44 -132.63 90.94
CA LYS C 265 -43.57 -133.24 91.65
C LYS C 265 -43.44 -134.76 91.70
N GLU C 266 -43.00 -135.38 90.60
CA GLU C 266 -42.78 -136.82 90.62
C GLU C 266 -41.67 -137.20 91.59
N LEU C 267 -40.61 -136.39 91.66
CA LEU C 267 -39.56 -136.65 92.63
C LEU C 267 -40.07 -136.53 94.06
N GLU C 268 -41.00 -135.60 94.31
CA GLU C 268 -41.59 -135.50 95.64
C GLU C 268 -42.45 -136.72 95.94
N LYS C 269 -43.13 -137.25 94.91
CA LYS C 269 -43.86 -138.51 95.09
C LYS C 269 -42.91 -139.64 95.45
N THR C 270 -41.75 -139.72 94.79
CA THR C 270 -40.74 -140.72 95.13
C THR C 270 -40.24 -140.52 96.56
N TYR C 271 -40.11 -139.26 96.99
CA TYR C 271 -39.64 -138.97 98.34
C TYR C 271 -40.64 -139.46 99.39
N SER C 272 -41.93 -139.16 99.19
CA SER C 272 -42.94 -139.64 100.14
C SER C 272 -43.03 -141.16 100.12
N ALA C 273 -42.89 -141.76 98.94
CA ALA C 273 -42.93 -143.23 98.85
C ALA C 273 -41.78 -143.85 99.64
N LYS C 274 -40.56 -143.36 99.42
CA LYS C 274 -39.41 -143.87 100.17
C LYS C 274 -39.58 -143.63 101.66
N LEU C 275 -40.18 -142.51 102.04
CA LEU C 275 -40.42 -142.22 103.46
C LEU C 275 -41.34 -143.27 104.07
N ASP C 276 -42.48 -143.53 103.41
CA ASP C 276 -43.42 -144.51 103.95
C ASP C 276 -42.85 -145.92 103.93
N ASN C 277 -42.00 -146.23 102.94
CA ASN C 277 -41.35 -147.54 102.91
C ASN C 277 -40.39 -147.70 104.08
N ALA C 278 -39.60 -146.66 104.37
CA ALA C 278 -38.74 -146.71 105.54
C ALA C 278 -39.57 -146.81 106.83
N ARG C 279 -40.73 -146.15 106.85
CA ARG C 279 -41.63 -146.29 107.99
C ARG C 279 -42.03 -147.74 108.20
N GLN C 280 -42.51 -148.40 107.14
CA GLN C 280 -42.93 -149.80 107.25
C GLN C 280 -41.74 -150.72 107.56
N SER C 281 -40.53 -150.32 107.16
CA SER C 281 -39.35 -151.11 107.49
C SER C 281 -38.96 -150.97 108.96
N ALA C 282 -39.15 -149.78 109.54
CA ALA C 282 -38.94 -149.62 110.97
C ALA C 282 -40.14 -150.11 111.77
N GLU C 283 -41.35 -149.98 111.21
CA GLU C 283 -42.56 -150.56 111.75
C GLU C 283 -42.50 -152.08 111.86
N ARG C 284 -41.43 -152.71 111.37
CA ARG C 284 -41.31 -154.16 111.43
C ARG C 284 -41.36 -154.65 112.88
N ASN C 285 -42.27 -155.57 113.16
CA ASN C 285 -42.41 -156.19 114.47
C ASN C 285 -43.39 -157.36 114.34
N SER C 286 -43.60 -158.06 115.46
CA SER C 286 -44.51 -159.22 115.49
C SER C 286 -45.95 -158.80 115.17
N GLU D 35 20.11 123.77 -92.39
CA GLU D 35 20.54 123.33 -93.71
C GLU D 35 22.04 123.04 -93.74
N LYS D 36 22.81 123.99 -94.25
CA LYS D 36 24.24 123.77 -94.46
C LYS D 36 24.98 123.70 -93.13
N GLU D 37 24.79 124.69 -92.26
CA GLU D 37 25.58 124.81 -91.05
C GLU D 37 25.09 123.87 -89.95
N ASP D 38 23.77 123.81 -89.75
CA ASP D 38 23.21 123.11 -88.61
C ASP D 38 23.54 121.62 -88.65
N LEU D 39 23.38 120.99 -89.81
CA LEU D 39 23.65 119.56 -89.92
C LEU D 39 25.12 119.23 -89.67
N GLN D 40 26.02 120.12 -90.10
CA GLN D 40 27.44 119.90 -89.83
C GLN D 40 27.75 120.06 -88.34
N GLU D 41 27.17 121.09 -87.71
CA GLU D 41 27.32 121.24 -86.27
C GLU D 41 26.86 119.99 -85.53
N LEU D 42 25.66 119.50 -85.85
CA LEU D 42 25.11 118.36 -85.14
C LEU D 42 25.90 117.09 -85.42
N ASN D 43 26.43 116.93 -86.64
CA ASN D 43 27.24 115.75 -86.93
C ASN D 43 28.56 115.80 -86.18
N ASP D 44 29.14 117.00 -86.03
CA ASP D 44 30.32 117.14 -85.18
C ASP D 44 29.99 116.77 -83.74
N ARG D 45 28.85 117.23 -83.23
CA ARG D 45 28.40 116.82 -81.91
C ARG D 45 28.32 115.30 -81.79
N LEU D 46 27.76 114.64 -82.81
CA LEU D 46 27.60 113.19 -82.75
C LEU D 46 28.94 112.48 -82.76
N ALA D 47 29.89 112.94 -83.58
CA ALA D 47 31.21 112.34 -83.57
C ALA D 47 31.88 112.50 -82.21
N VAL D 48 31.81 113.71 -81.65
CA VAL D 48 32.37 113.95 -80.32
C VAL D 48 31.77 112.99 -79.30
N TYR D 49 30.45 112.81 -79.35
CA TYR D 49 29.79 111.92 -78.39
C TYR D 49 30.21 110.48 -78.59
N ILE D 50 30.39 110.04 -79.83
CA ILE D 50 30.82 108.67 -80.09
C ILE D 50 32.20 108.42 -79.49
N ASP D 51 33.16 109.28 -79.82
CA ASP D 51 34.49 109.12 -79.24
C ASP D 51 34.46 109.23 -77.72
N ARG D 52 33.51 110.02 -77.18
CA ARG D 52 33.35 110.09 -75.74
C ARG D 52 32.94 108.74 -75.16
N VAL D 53 31.95 108.09 -75.78
CA VAL D 53 31.54 106.75 -75.34
C VAL D 53 32.74 105.81 -75.38
N ARG D 54 33.50 105.84 -76.47
CA ARG D 54 34.64 104.92 -76.60
C ARG D 54 35.65 105.13 -75.48
N SER D 55 36.07 106.38 -75.27
CA SER D 55 37.06 106.67 -74.24
C SER D 55 36.55 106.28 -72.86
N LEU D 56 35.28 106.59 -72.57
CA LEU D 56 34.71 106.25 -71.27
C LEU D 56 34.69 104.76 -71.03
N GLU D 57 34.30 103.98 -72.05
CA GLU D 57 34.30 102.52 -71.89
C GLU D 57 35.70 101.98 -71.67
N THR D 58 36.69 102.54 -72.37
CA THR D 58 38.07 102.09 -72.19
C THR D 58 38.57 102.37 -70.77
N GLU D 59 38.33 103.59 -70.28
CA GLU D 59 38.76 103.93 -68.94
C GLU D 59 38.07 103.07 -67.89
N ASN D 60 36.76 102.83 -68.06
CA ASN D 60 36.05 101.94 -67.13
C ASN D 60 36.63 100.53 -67.15
N ALA D 61 36.99 100.03 -68.34
CA ALA D 61 37.63 98.72 -68.40
C ALA D 61 38.93 98.72 -67.61
N GLY D 62 39.71 99.79 -67.71
CA GLY D 62 40.93 99.87 -66.92
C GLY D 62 40.65 99.85 -65.42
N LEU D 63 39.68 100.63 -64.97
CA LEU D 63 39.32 100.66 -63.55
C LEU D 63 38.90 99.29 -63.06
N ARG D 64 38.00 98.63 -63.79
CA ARG D 64 37.62 97.27 -63.43
C ARG D 64 38.81 96.33 -63.42
N LEU D 65 39.79 96.56 -64.30
CA LEU D 65 40.99 95.73 -64.28
C LEU D 65 41.74 95.88 -62.97
N ARG D 66 41.94 97.13 -62.52
CA ARG D 66 42.59 97.34 -61.23
C ARG D 66 41.81 96.70 -60.09
N ILE D 67 40.48 96.86 -60.10
CA ILE D 67 39.65 96.31 -59.05
C ILE D 67 39.81 94.79 -58.99
N THR D 68 39.63 94.12 -60.12
CA THR D 68 39.73 92.66 -60.15
C THR D 68 41.15 92.18 -59.85
N GLU D 69 42.18 93.00 -60.09
CA GLU D 69 43.51 92.62 -59.64
C GLU D 69 43.61 92.68 -58.12
N SER D 70 43.06 93.74 -57.51
CA SER D 70 43.08 93.86 -56.06
C SER D 70 42.38 92.68 -55.40
N GLU D 71 41.13 92.42 -55.80
CA GLU D 71 40.37 91.35 -55.16
C GLU D 71 40.78 89.98 -55.70
N GLU D 72 42.07 89.84 -56.04
CA GLU D 72 42.65 88.55 -56.37
C GLU D 72 43.98 88.45 -55.63
N VAL D 73 44.80 89.50 -55.72
CA VAL D 73 46.00 89.59 -54.89
C VAL D 73 45.64 89.57 -53.41
N VAL D 74 44.37 89.84 -53.08
CA VAL D 74 43.93 89.68 -51.69
C VAL D 74 43.64 88.22 -51.38
N SER D 75 42.95 87.52 -52.27
CA SER D 75 42.64 86.12 -52.03
C SER D 75 43.92 85.30 -51.88
N ARG D 76 44.93 85.58 -52.71
CA ARG D 76 46.20 84.89 -52.54
C ARG D 76 46.85 85.22 -51.20
N GLU D 77 46.45 86.33 -50.57
CA GLU D 77 46.98 86.67 -49.25
C GLU D 77 46.19 85.99 -48.14
N VAL D 78 44.90 85.71 -48.37
CA VAL D 78 44.11 84.96 -47.40
C VAL D 78 44.22 83.45 -47.61
N SER D 79 45.02 83.02 -48.60
CA SER D 79 45.13 81.59 -48.91
C SER D 79 45.54 80.75 -47.71
N GLY D 80 46.30 81.32 -46.77
CA GLY D 80 46.83 80.51 -45.68
C GLY D 80 45.75 79.96 -44.77
N ILE D 81 44.84 80.83 -44.33
CA ILE D 81 43.75 80.38 -43.47
C ILE D 81 42.89 79.36 -44.20
N LYS D 82 42.77 79.50 -45.52
CA LYS D 82 42.00 78.53 -46.31
C LYS D 82 42.68 77.17 -46.32
N ALA D 83 44.00 77.15 -46.54
CA ALA D 83 44.72 75.88 -46.52
C ALA D 83 44.63 75.21 -45.14
N ALA D 84 44.73 75.99 -44.07
CA ALA D 84 44.62 75.41 -42.73
C ALA D 84 43.24 74.81 -42.50
N TYR D 85 42.18 75.58 -42.81
CA TYR D 85 40.82 75.08 -42.67
C TYR D 85 40.64 73.77 -43.45
N GLU D 86 41.06 73.77 -44.72
CA GLU D 86 40.89 72.57 -45.54
C GLU D 86 41.66 71.39 -44.98
N ALA D 87 42.83 71.64 -44.39
CA ALA D 87 43.58 70.55 -43.76
C ALA D 87 42.79 69.97 -42.58
N GLU D 88 42.23 70.84 -41.73
CA GLU D 88 41.48 70.36 -40.57
C GLU D 88 40.24 69.59 -41.01
N LEU D 89 39.51 70.09 -42.00
CA LEU D 89 38.38 69.34 -42.52
C LEU D 89 38.82 67.99 -43.08
N GLY D 90 39.96 67.97 -43.79
CA GLY D 90 40.48 66.71 -44.31
C GLY D 90 40.69 65.69 -43.21
N ASP D 91 41.38 66.08 -42.14
CA ASP D 91 41.54 65.17 -41.01
C ASP D 91 40.19 64.76 -40.43
N ALA D 92 39.24 65.71 -40.41
CA ALA D 92 37.93 65.44 -39.81
C ALA D 92 37.21 64.31 -40.53
N ARG D 93 37.08 64.40 -41.86
CA ARG D 93 36.40 63.31 -42.57
C ARG D 93 37.28 62.06 -42.67
N LYS D 94 38.61 62.21 -42.61
CA LYS D 94 39.46 61.02 -42.56
C LYS D 94 39.19 60.20 -41.30
N THR D 95 38.88 60.86 -40.18
CA THR D 95 38.47 60.12 -39.00
C THR D 95 37.02 59.65 -39.11
N LEU D 96 36.15 60.50 -39.65
CA LEU D 96 34.73 60.18 -39.75
C LEU D 96 34.50 58.91 -40.55
N ASP D 97 35.25 58.71 -41.63
CA ASP D 97 35.09 57.49 -42.42
C ASP D 97 35.50 56.26 -41.61
N SER D 98 36.57 56.37 -40.81
CA SER D 98 37.00 55.25 -39.98
C SER D 98 35.91 54.87 -38.97
N VAL D 99 35.40 55.86 -38.23
CA VAL D 99 34.37 55.57 -37.24
C VAL D 99 33.12 55.00 -37.92
N ALA D 100 32.76 55.56 -39.08
CA ALA D 100 31.63 55.04 -39.84
C ALA D 100 31.87 53.62 -40.36
N LYS D 101 33.14 53.22 -40.50
CA LYS D 101 33.44 51.82 -40.83
C LYS D 101 33.24 50.93 -39.61
N GLU D 102 33.68 51.40 -38.44
CA GLU D 102 33.42 50.66 -37.20
C GLU D 102 31.92 50.43 -37.00
N ARG D 103 31.12 51.49 -37.16
CA ARG D 103 29.66 51.39 -37.08
C ARG D 103 29.11 50.29 -37.98
N ALA D 104 29.80 49.95 -39.07
CA ALA D 104 29.38 48.85 -39.91
C ALA D 104 29.83 47.50 -39.35
N ARG D 105 31.11 47.39 -39.00
CA ARG D 105 31.64 46.10 -38.53
C ARG D 105 30.90 45.62 -37.28
N LEU D 106 30.85 46.43 -36.23
CA LEU D 106 30.19 45.95 -35.02
C LEU D 106 28.67 45.88 -35.18
N GLN D 107 28.11 46.55 -36.18
CA GLN D 107 26.70 46.33 -36.49
C GLN D 107 26.48 44.93 -37.04
N LEU D 108 27.31 44.51 -38.01
CA LEU D 108 27.21 43.15 -38.52
C LEU D 108 27.40 42.13 -37.41
N GLU D 109 28.45 42.30 -36.61
CA GLU D 109 28.68 41.38 -35.49
C GLU D 109 27.46 41.36 -34.56
N LEU D 110 26.88 42.53 -34.29
CA LEU D 110 25.73 42.60 -33.40
C LEU D 110 24.55 41.80 -33.94
N SER D 111 24.25 41.96 -35.23
CA SER D 111 23.16 41.21 -35.83
C SER D 111 23.44 39.71 -35.82
N LYS D 112 24.70 39.33 -36.04
CA LYS D 112 25.08 37.92 -36.00
C LYS D 112 24.82 37.32 -34.61
N VAL D 113 25.32 37.98 -33.57
CA VAL D 113 25.13 37.48 -32.21
C VAL D 113 23.64 37.49 -31.83
N ARG D 114 22.88 38.45 -32.37
CA ARG D 114 21.44 38.47 -32.11
C ARG D 114 20.75 37.25 -32.73
N GLU D 115 21.12 36.90 -33.96
CA GLU D 115 20.56 35.69 -34.58
C GLU D 115 20.91 34.45 -33.76
N GLU D 116 22.19 34.32 -33.39
CA GLU D 116 22.60 33.17 -32.58
C GLU D 116 21.80 33.10 -31.28
N PHE D 117 21.61 34.24 -30.62
CA PHE D 117 20.82 34.27 -29.40
C PHE D 117 19.37 33.88 -29.66
N LYS D 118 18.84 34.20 -30.84
CA LYS D 118 17.48 33.77 -31.17
C LYS D 118 17.39 32.26 -31.30
N GLU D 119 18.34 31.65 -32.02
CA GLU D 119 18.34 30.19 -32.14
C GLU D 119 18.48 29.53 -30.78
N LEU D 120 19.36 30.06 -29.92
CA LEU D 120 19.52 29.46 -28.60
C LEU D 120 18.28 29.65 -27.74
N LYS D 121 17.55 30.75 -27.94
CA LYS D 121 16.29 30.96 -27.24
C LYS D 121 15.26 29.93 -27.67
N ALA D 122 15.20 29.63 -28.97
CA ALA D 122 14.26 28.61 -29.45
C ALA D 122 14.61 27.24 -28.88
N ARG D 123 15.88 26.83 -29.01
CA ARG D 123 16.30 25.54 -28.46
C ARG D 123 16.03 25.45 -26.96
N ASN D 124 16.30 26.53 -26.23
CA ASN D 124 16.08 26.52 -24.79
C ASN D 124 14.60 26.38 -24.46
N THR D 125 13.73 27.11 -25.18
CA THR D 125 12.30 26.99 -24.93
C THR D 125 11.82 25.57 -25.18
N LYS D 126 12.25 24.96 -26.29
CA LYS D 126 11.85 23.58 -26.57
C LYS D 126 12.30 22.63 -25.46
N LYS D 127 13.60 22.67 -25.12
CA LYS D 127 14.11 21.72 -24.14
C LYS D 127 13.48 21.94 -22.76
N GLU D 128 13.18 23.19 -22.40
CA GLU D 128 12.54 23.43 -21.12
C GLU D 128 11.09 22.96 -21.12
N GLY D 129 10.40 23.10 -22.24
CA GLY D 129 9.07 22.51 -22.35
C GLY D 129 9.11 21.00 -22.20
N ASP D 130 10.09 20.35 -22.84
CA ASP D 130 10.24 18.91 -22.70
C ASP D 130 10.59 18.52 -21.27
N LEU D 131 11.34 19.36 -20.55
CA LEU D 131 11.69 19.06 -19.17
C LEU D 131 10.46 19.18 -18.26
N ILE D 132 9.65 20.22 -18.47
CA ILE D 132 8.40 20.35 -17.72
C ILE D 132 7.51 19.14 -17.97
N ALA D 133 7.35 18.75 -19.25
CA ALA D 133 6.56 17.57 -19.58
C ALA D 133 7.09 16.33 -18.87
N ALA D 134 8.41 16.16 -18.86
CA ALA D 134 9.00 14.99 -18.19
C ALA D 134 8.72 15.03 -16.69
N GLN D 135 8.72 16.23 -16.10
CA GLN D 135 8.48 16.32 -14.66
C GLN D 135 7.04 15.99 -14.31
N ALA D 136 6.09 16.53 -15.09
CA ALA D 136 4.69 16.16 -14.88
C ALA D 136 4.49 14.66 -15.05
N ARG D 137 5.11 14.08 -16.08
CA ARG D 137 5.00 12.64 -16.30
C ARG D 137 5.58 11.87 -15.13
N LEU D 138 6.66 12.38 -14.53
CA LEU D 138 7.23 11.71 -13.36
C LEU D 138 6.29 11.78 -12.16
N LYS D 139 5.62 12.92 -11.97
CA LYS D 139 4.67 13.04 -10.86
C LYS D 139 3.53 12.03 -11.02
N ASP D 140 2.88 12.04 -12.18
CA ASP D 140 1.77 11.12 -12.41
C ASP D 140 2.24 9.67 -12.35
N LEU D 141 3.46 9.41 -12.81
CA LEU D 141 3.98 8.05 -12.79
C LEU D 141 4.22 7.56 -11.38
N GLU D 142 4.77 8.40 -10.51
CA GLU D 142 4.95 8.01 -9.11
C GLU D 142 3.59 7.76 -8.45
N ALA D 143 2.60 8.61 -8.75
CA ALA D 143 1.26 8.37 -8.20
C ALA D 143 0.73 7.00 -8.61
N LEU D 144 0.81 6.69 -9.91
CA LEU D 144 0.35 5.38 -10.38
C LEU D 144 1.15 4.24 -9.76
N LEU D 145 2.43 4.49 -9.48
CA LEU D 145 3.24 3.45 -8.82
C LEU D 145 2.74 3.18 -7.42
N ASN D 146 2.48 4.23 -6.64
CA ASN D 146 2.00 4.02 -5.27
C ASN D 146 0.64 3.34 -5.26
N SER D 147 -0.28 3.78 -6.13
CA SER D 147 -1.58 3.13 -6.20
C SER D 147 -1.44 1.66 -6.58
N LYS D 148 -0.62 1.37 -7.61
CA LYS D 148 -0.43 0.00 -8.06
C LYS D 148 0.15 -0.88 -6.97
N GLU D 149 1.15 -0.37 -6.24
CA GLU D 149 1.74 -1.15 -5.16
C GLU D 149 0.74 -1.39 -4.03
N ALA D 150 -0.15 -0.43 -3.78
CA ALA D 150 -1.22 -0.68 -2.83
C ALA D 150 -2.09 -1.85 -3.27
N ALA D 151 -2.56 -1.81 -4.53
CA ALA D 151 -3.42 -2.89 -5.03
C ALA D 151 -2.71 -4.23 -4.99
N LEU D 152 -1.42 -4.26 -5.36
CA LEU D 152 -0.66 -5.50 -5.34
C LEU D 152 -0.49 -6.01 -3.93
N SER D 153 -0.27 -5.12 -2.97
CA SER D 153 -0.09 -5.55 -1.59
C SER D 153 -1.38 -6.13 -1.02
N THR D 154 -2.53 -5.52 -1.34
CA THR D 154 -3.81 -6.10 -0.93
C THR D 154 -4.01 -7.47 -1.56
N ALA D 155 -3.72 -7.60 -2.86
CA ALA D 155 -3.87 -8.89 -3.52
C ALA D 155 -3.00 -9.95 -2.85
N LEU D 156 -1.74 -9.63 -2.56
CA LEU D 156 -0.86 -10.59 -1.91
C LEU D 156 -1.37 -10.97 -0.52
N SER D 157 -1.91 -10.00 0.21
CA SER D 157 -2.47 -10.30 1.54
C SER D 157 -3.62 -11.29 1.43
N GLU D 158 -4.57 -11.03 0.53
CA GLU D 158 -5.69 -11.94 0.38
C GLU D 158 -5.24 -13.32 -0.09
N LYS D 159 -4.25 -13.36 -0.99
CA LYS D 159 -3.69 -14.65 -1.40
C LYS D 159 -3.08 -15.39 -0.22
N ARG D 160 -2.41 -14.66 0.67
CA ARG D 160 -1.82 -15.29 1.85
C ARG D 160 -2.88 -15.83 2.79
N THR D 161 -4.00 -15.13 2.93
CA THR D 161 -5.11 -15.66 3.72
C THR D 161 -5.65 -16.95 3.13
N LEU D 162 -5.90 -16.96 1.81
CA LEU D 162 -6.35 -18.19 1.16
C LEU D 162 -5.36 -19.32 1.38
N GLU D 163 -4.06 -19.02 1.29
CA GLU D 163 -3.03 -20.04 1.48
C GLU D 163 -3.07 -20.61 2.90
N GLY D 164 -3.21 -19.74 3.89
CA GLY D 164 -3.35 -20.22 5.25
C GLY D 164 -4.54 -21.14 5.42
N GLU D 165 -5.70 -20.72 4.89
CA GLU D 165 -6.89 -21.58 4.94
C GLU D 165 -6.64 -22.94 4.28
N LEU D 166 -5.96 -22.94 3.14
CA LEU D 166 -5.66 -24.19 2.45
C LEU D 166 -4.79 -25.10 3.33
N HIS D 167 -3.73 -24.55 3.91
CA HIS D 167 -2.83 -25.35 4.74
C HIS D 167 -3.57 -25.94 5.94
N ASP D 168 -4.38 -25.12 6.62
CA ASP D 168 -5.15 -25.64 7.75
C ASP D 168 -6.12 -26.73 7.30
N LEU D 169 -6.69 -26.59 6.10
CA LEU D 169 -7.55 -27.64 5.59
C LEU D 169 -6.78 -28.94 5.36
N ARG D 170 -5.56 -28.84 4.83
CA ARG D 170 -4.74 -30.03 4.66
C ARG D 170 -4.46 -30.70 6.01
N GLY D 171 -4.14 -29.90 7.04
CA GLY D 171 -3.97 -30.46 8.37
C GLY D 171 -5.23 -31.16 8.87
N GLN D 172 -6.39 -30.56 8.59
CA GLN D 172 -7.67 -31.18 8.96
C GLN D 172 -7.82 -32.54 8.29
N VAL D 173 -7.53 -32.62 6.99
CA VAL D 173 -7.63 -33.91 6.29
C VAL D 173 -6.68 -34.93 6.92
N ALA D 174 -5.45 -34.51 7.25
CA ALA D 174 -4.50 -35.42 7.87
C ALA D 174 -5.05 -35.97 9.19
N LYS D 175 -5.56 -35.09 10.05
CA LYS D 175 -6.07 -35.55 11.35
C LYS D 175 -7.33 -36.40 11.19
N LEU D 176 -8.14 -36.13 10.16
CA LEU D 176 -9.31 -36.98 9.94
C LEU D 176 -8.94 -38.36 9.43
N GLU D 177 -7.86 -38.47 8.66
CA GLU D 177 -7.37 -39.80 8.28
C GLU D 177 -6.83 -40.54 9.50
N ALA D 178 -5.99 -39.86 10.29
CA ALA D 178 -5.51 -40.45 11.54
C ALA D 178 -6.66 -40.83 12.48
N ALA D 179 -7.82 -40.22 12.32
CA ALA D 179 -8.98 -40.62 13.12
C ALA D 179 -9.69 -41.83 12.52
N LEU D 180 -9.91 -41.82 11.19
CA LEU D 180 -10.61 -42.92 10.55
C LEU D 180 -9.86 -44.25 10.71
N GLY D 181 -8.52 -44.19 10.69
CA GLY D 181 -7.75 -45.40 10.90
C GLY D 181 -8.08 -46.07 12.22
N GLU D 182 -7.92 -45.34 13.32
CA GLU D 182 -8.20 -45.90 14.64
C GLU D 182 -9.68 -46.24 14.79
N ALA D 183 -10.56 -45.50 14.12
CA ALA D 183 -11.99 -45.85 14.15
C ALA D 183 -12.21 -47.25 13.56
N LYS D 184 -11.61 -47.52 12.41
CA LYS D 184 -11.78 -48.83 11.80
C LYS D 184 -11.10 -49.93 12.61
N LYS D 185 -9.93 -49.63 13.19
CA LYS D 185 -9.28 -50.61 14.06
C LYS D 185 -10.17 -50.98 15.24
N GLN D 186 -10.68 -49.98 15.96
CA GLN D 186 -11.58 -50.25 17.08
C GLN D 186 -12.82 -51.00 16.61
N LEU D 187 -13.30 -50.70 15.40
CA LEU D 187 -14.49 -51.38 14.89
C LEU D 187 -14.21 -52.86 14.69
N GLN D 188 -13.07 -53.20 14.07
CA GLN D 188 -12.76 -54.62 13.86
C GLN D 188 -12.54 -55.34 15.18
N ASP D 189 -11.81 -54.72 16.11
CA ASP D 189 -11.65 -55.33 17.42
C ASP D 189 -13.01 -55.62 18.08
N GLU D 190 -13.93 -54.66 17.99
CA GLU D 190 -15.24 -54.85 18.62
C GLU D 190 -16.05 -55.92 17.90
N MSE D 191 -15.86 -56.07 16.59
CA MSE D 191 -16.54 -57.13 15.85
C MSE D 191 -16.03 -58.49 16.32
O MSE D 191 -16.83 -59.42 16.55
CB MSE D 191 -16.30 -56.98 14.34
CG MSE D 191 -17.10 -55.86 13.69
SE MSE D 191 -16.85 -55.76 11.76
CE MSE D 191 -18.17 -54.38 11.36
N LEU D 192 -14.72 -58.60 16.47
CA LEU D 192 -14.13 -59.84 16.99
C LEU D 192 -14.69 -60.17 18.37
N ARG D 193 -14.67 -59.20 19.28
CA ARG D 193 -15.21 -59.44 20.61
C ARG D 193 -16.69 -59.82 20.56
N ARG D 194 -17.43 -59.22 19.63
CA ARG D 194 -18.84 -59.56 19.48
C ARG D 194 -19.01 -61.03 19.10
N VAL D 195 -18.32 -61.46 18.05
CA VAL D 195 -18.48 -62.85 17.59
C VAL D 195 -17.99 -63.81 18.66
N ASP D 196 -17.01 -63.40 19.47
CA ASP D 196 -16.61 -64.21 20.62
C ASP D 196 -17.78 -64.37 21.60
N ALA D 197 -18.42 -63.25 21.95
CA ALA D 197 -19.51 -63.31 22.91
C ALA D 197 -20.68 -64.16 22.41
N GLU D 198 -21.03 -64.01 21.13
CA GLU D 198 -22.14 -64.79 20.59
C GLU D 198 -21.78 -66.27 20.48
N ASN D 199 -20.51 -66.57 20.16
CA ASN D 199 -20.07 -67.96 20.19
C ASN D 199 -20.24 -68.56 21.58
N ARG D 200 -19.79 -67.84 22.61
CA ARG D 200 -19.95 -68.34 23.98
C ARG D 200 -21.43 -68.48 24.37
N LEU D 201 -22.28 -67.58 23.86
CA LEU D 201 -23.71 -67.72 24.11
C LEU D 201 -24.25 -69.01 23.51
N GLN D 202 -23.90 -69.29 22.25
CA GLN D 202 -24.39 -70.51 21.61
C GLN D 202 -23.90 -71.76 22.37
N THR D 203 -22.61 -71.80 22.71
CA THR D 203 -22.10 -72.94 23.47
C THR D 203 -22.82 -73.07 24.81
N MSE D 204 -23.15 -71.95 25.45
CA MSE D 204 -23.88 -72.00 26.71
C MSE D 204 -25.27 -72.60 26.51
O MSE D 204 -25.75 -73.35 27.37
CB MSE D 204 -23.99 -70.62 27.34
CG MSE D 204 -24.27 -70.65 28.83
SE MSE D 204 -23.04 -71.90 29.71
CE MSE D 204 -23.28 -71.32 31.56
N LYS D 205 -25.92 -72.28 25.40
CA LYS D 205 -27.18 -72.93 25.07
C LYS D 205 -27.00 -74.43 24.91
N GLU D 206 -25.93 -74.83 24.22
CA GLU D 206 -25.63 -76.25 24.07
C GLU D 206 -25.50 -76.92 25.42
N GLU D 207 -24.70 -76.34 26.32
CA GLU D 207 -24.51 -76.95 27.64
C GLU D 207 -25.81 -76.98 28.43
N LEU D 208 -26.65 -75.96 28.28
CA LEU D 208 -27.91 -75.92 29.01
C LEU D 208 -28.83 -77.07 28.58
N ASP D 209 -29.04 -77.22 27.26
CA ASP D 209 -29.86 -78.34 26.80
C ASP D 209 -29.24 -79.67 27.17
N PHE D 210 -27.90 -79.75 27.14
CA PHE D 210 -27.21 -80.98 27.53
C PHE D 210 -27.55 -81.38 28.96
N GLN D 211 -27.34 -80.47 29.91
CA GLN D 211 -27.60 -80.81 31.31
C GLN D 211 -29.09 -81.04 31.58
N LYS D 212 -29.97 -80.32 30.89
CA LYS D 212 -31.40 -80.54 31.08
C LYS D 212 -31.80 -81.95 30.63
N ASN D 213 -31.35 -82.35 29.44
CA ASN D 213 -31.65 -83.71 28.97
C ASN D 213 -31.06 -84.75 29.91
N ILE D 214 -29.82 -84.52 30.38
CA ILE D 214 -29.19 -85.48 31.28
C ILE D 214 -30.01 -85.65 32.55
N TYR D 215 -30.41 -84.53 33.16
CA TYR D 215 -31.18 -84.61 34.41
C TYR D 215 -32.52 -85.30 34.19
N SER D 216 -33.18 -84.99 33.08
CA SER D 216 -34.46 -85.62 32.78
C SER D 216 -34.32 -87.13 32.64
N GLU D 217 -33.35 -87.58 31.84
CA GLU D 217 -33.16 -89.01 31.64
C GLU D 217 -32.70 -89.69 32.92
N GLU D 218 -31.91 -89.00 33.74
CA GLU D 218 -31.47 -89.58 35.00
C GLU D 218 -32.66 -89.83 35.92
N LEU D 219 -33.55 -88.84 36.06
CA LEU D 219 -34.74 -89.06 36.89
C LEU D 219 -35.62 -90.16 36.33
N ARG D 220 -35.80 -90.20 35.00
CA ARG D 220 -36.62 -91.24 34.40
C ARG D 220 -36.06 -92.63 34.70
N GLU D 221 -34.74 -92.79 34.54
CA GLU D 221 -34.12 -94.07 34.83
C GLU D 221 -34.23 -94.43 36.31
N THR D 222 -34.11 -93.43 37.20
CA THR D 222 -34.24 -93.69 38.63
C THR D 222 -35.62 -94.22 38.97
N LYS D 223 -36.67 -93.57 38.45
CA LYS D 223 -38.02 -94.04 38.72
C LYS D 223 -38.25 -95.42 38.10
N ARG D 224 -37.67 -95.67 36.92
CA ARG D 224 -37.80 -96.98 36.30
C ARG D 224 -37.20 -98.07 37.19
N ARG D 225 -35.96 -97.87 37.64
CA ARG D 225 -35.31 -98.86 38.49
C ARG D 225 -36.04 -99.02 39.82
N HIS D 226 -36.61 -97.92 40.35
CA HIS D 226 -37.46 -98.03 41.51
C HIS D 226 -38.61 -99.01 41.26
N GLU D 227 -39.34 -98.80 40.17
CA GLU D 227 -40.52 -99.63 39.90
C GLU D 227 -40.13 -101.08 39.64
N THR D 228 -39.02 -101.31 38.93
CA THR D 228 -38.60 -102.69 38.68
C THR D 228 -38.20 -103.39 39.98
N ARG D 229 -37.43 -102.70 40.83
CA ARG D 229 -37.09 -103.29 42.12
C ARG D 229 -38.33 -103.62 42.94
N LEU D 230 -39.34 -102.75 42.90
CA LEU D 230 -40.56 -103.02 43.65
C LEU D 230 -41.32 -104.21 43.08
N VAL D 231 -41.43 -104.30 41.76
CA VAL D 231 -42.14 -105.44 41.16
C VAL D 231 -41.35 -106.73 41.25
N GLU D 232 -40.07 -106.66 41.61
CA GLU D 232 -39.30 -107.86 41.92
C GLU D 232 -39.47 -108.28 43.38
N ILE D 233 -39.36 -107.30 44.29
CA ILE D 233 -39.61 -107.54 45.72
C ILE D 233 -41.07 -107.88 45.99
N ASP D 234 -41.93 -107.72 44.98
CA ASP D 234 -43.34 -108.06 45.12
C ASP D 234 -43.53 -109.53 45.51
N ASN D 235 -42.64 -110.39 45.08
CA ASN D 235 -42.78 -111.83 45.31
C ASN D 235 -41.46 -112.46 45.73
N GLY D 236 -40.37 -112.03 45.06
CA GLY D 236 -39.09 -112.72 45.18
C GLY D 236 -38.57 -112.79 46.61
N LYS D 237 -38.93 -111.81 47.43
CA LYS D 237 -38.56 -111.82 48.85
C LYS D 237 -39.71 -112.22 49.75
N GLN D 238 -40.95 -112.01 49.32
CA GLN D 238 -42.10 -112.44 50.11
C GLN D 238 -42.08 -113.95 50.32
N ARG D 239 -42.11 -114.72 49.22
CA ARG D 239 -42.22 -116.16 49.35
C ARG D 239 -40.98 -116.76 50.01
N GLU D 240 -39.80 -116.27 49.64
CA GLU D 240 -38.57 -116.84 50.20
C GLU D 240 -38.41 -116.48 51.67
N PHE D 241 -38.75 -115.25 52.03
CA PHE D 241 -38.64 -114.83 53.43
C PHE D 241 -39.62 -115.61 54.32
N GLU D 242 -40.86 -115.79 53.86
CA GLU D 242 -41.80 -116.60 54.63
C GLU D 242 -41.35 -118.06 54.68
N SER D 243 -40.64 -118.53 53.65
CA SER D 243 -40.06 -119.87 53.71
C SER D 243 -38.99 -119.96 54.81
N ARG D 244 -38.09 -118.97 54.88
CA ARG D 244 -37.07 -118.98 55.92
C ARG D 244 -37.70 -118.89 57.30
N LEU D 245 -38.74 -118.06 57.44
CA LEU D 245 -39.42 -117.93 58.73
C LEU D 245 -40.06 -119.25 59.15
N ALA D 246 -40.72 -119.94 58.22
CA ALA D 246 -41.26 -121.26 58.53
C ALA D 246 -40.15 -122.25 58.90
N ASP D 247 -39.00 -122.13 58.23
CA ASP D 247 -37.86 -122.98 58.57
C ASP D 247 -37.40 -122.77 60.00
N ALA D 248 -37.27 -121.51 60.42
CA ALA D 248 -36.86 -121.22 61.78
C ALA D 248 -37.89 -121.72 62.78
N LEU D 249 -39.17 -121.43 62.53
CA LEU D 249 -40.24 -121.82 63.46
C LEU D 249 -40.28 -123.33 63.64
N GLN D 250 -40.26 -124.08 62.53
CA GLN D 250 -40.31 -125.53 62.66
C GLN D 250 -39.01 -126.09 63.24
N GLU D 251 -37.88 -125.42 62.97
CA GLU D 251 -36.61 -125.88 63.52
C GLU D 251 -36.53 -125.69 65.02
N LEU D 252 -37.28 -124.72 65.55
CA LEU D 252 -37.24 -124.37 66.97
C LEU D 252 -38.35 -125.01 67.79
N ARG D 253 -39.55 -125.16 67.23
CA ARG D 253 -40.69 -125.61 68.02
C ARG D 253 -40.58 -127.09 68.38
N ALA D 254 -39.98 -127.90 67.51
CA ALA D 254 -39.93 -129.35 67.71
C ALA D 254 -38.51 -129.84 67.93
N GLN D 255 -37.65 -129.78 66.92
CA GLN D 255 -36.29 -130.33 67.01
C GLN D 255 -35.44 -129.59 68.05
#